data_8HR6
#
_entry.id   8HR6
#
_cell.length_a   121.434
_cell.length_b   121.434
_cell.length_c   178.472
_cell.angle_alpha   90.00
_cell.angle_beta   90.00
_cell.angle_gamma   90.00
#
_symmetry.space_group_name_H-M   'P 4 21 2'
#
loop_
_entity.id
_entity.type
_entity.pdbx_description
1 polymer 'Leucine dehydrogenase'
2 non-polymer NICOTINAMIDE-ADENINE-DINUCLEOTIDE
3 non-polymer 'SULFATE ION'
4 water water
#
_entity_poly.entity_id   1
_entity_poly.type   'polypeptide(L)'
_entity_poly.pdbx_seq_one_letter_code
;MTLEIFEYLEKYDYEQVVFCQDKESGLKAIIAIHDTTLGPALGGTRMWTYDSEEAAIEDALRLAKGMTYKNAAAGLNLGG
AKTVIIGDPRKDKSEAMFRALGRYIQGLNGRYITAEDVGTTVDDMDIIHEETDFVTGISPSFGSSGNPSPVTAYGVYRGM
KAAAKEAVGTDNLEGKVIAVQGVGNVAYHLCKHLHAEGAKLIVTDINKEAVQRAVEEFGASAVEPNEIYGVECDIYAPCA
LGATVNDETIPQLKAKVIAGSANNQLKENRHGDIIHEMGIVYAPDYVINAGGVINVADELYGYNRERALKRVESIYDTIA
KVIEISKRDGIATYVAADRLAEERIASLKNSRSTYLRNGHDIISRR
;
_entity_poly.pdbx_strand_id   A,B
#
# COMPACT_ATOMS: atom_id res chain seq x y z
N GLU A 4 13.72 -7.57 3.94
CA GLU A 4 12.76 -8.20 4.91
C GLU A 4 11.84 -7.11 5.50
N ILE A 5 10.87 -6.64 4.70
CA ILE A 5 9.97 -5.48 5.02
C ILE A 5 9.20 -5.77 6.30
N PHE A 6 8.32 -6.78 6.28
CA PHE A 6 7.34 -7.09 7.36
C PHE A 6 8.01 -7.12 8.74
N GLU A 7 9.27 -7.58 8.79
CA GLU A 7 10.03 -7.70 10.06
C GLU A 7 10.25 -6.28 10.61
N TYR A 8 10.68 -5.37 9.74
CA TYR A 8 10.93 -3.94 10.05
C TYR A 8 9.61 -3.28 10.51
N LEU A 9 8.51 -3.60 9.82
CA LEU A 9 7.14 -3.07 10.11
C LEU A 9 6.71 -3.54 11.51
N GLU A 10 6.83 -4.83 11.78
CA GLU A 10 6.39 -5.42 13.07
C GLU A 10 7.30 -4.92 14.19
N LYS A 11 8.55 -4.54 13.87
CA LYS A 11 9.51 -4.03 14.88
C LYS A 11 8.94 -2.76 15.52
N TYR A 12 8.67 -1.72 14.73
CA TYR A 12 8.21 -0.39 15.23
C TYR A 12 6.69 -0.23 15.01
N ASP A 13 5.97 -1.35 14.81
CA ASP A 13 4.50 -1.40 14.58
C ASP A 13 4.10 -0.26 13.64
N TYR A 14 4.68 -0.24 12.43
CA TYR A 14 4.17 0.49 11.24
C TYR A 14 2.80 -0.09 10.88
N GLU A 15 1.97 0.67 10.15
CA GLU A 15 0.58 0.30 9.82
C GLU A 15 0.53 -0.24 8.37
N GLN A 16 1.03 0.53 7.42
CA GLN A 16 0.94 0.22 5.97
C GLN A 16 2.18 0.77 5.25
N VAL A 17 2.62 0.09 4.19
CA VAL A 17 3.52 0.68 3.14
C VAL A 17 2.82 0.49 1.80
N VAL A 18 2.44 1.58 1.14
CA VAL A 18 1.56 1.56 -0.05
C VAL A 18 2.40 1.90 -1.28
N PHE A 19 2.76 0.89 -2.07
CA PHE A 19 3.49 1.03 -3.36
C PHE A 19 2.47 1.46 -4.42
N CYS A 20 2.74 2.57 -5.11
CA CYS A 20 1.84 3.17 -6.12
C CYS A 20 2.60 3.37 -7.43
N GLN A 21 2.06 2.90 -8.56
CA GLN A 21 2.72 2.95 -9.89
C GLN A 21 1.68 3.21 -10.99
N ASP A 22 1.84 4.31 -11.72
CA ASP A 22 1.12 4.59 -13.00
C ASP A 22 2.17 4.62 -14.12
N LYS A 23 2.03 3.76 -15.12
CA LYS A 23 3.05 3.57 -16.18
C LYS A 23 3.05 4.75 -17.14
N GLU A 24 1.87 5.25 -17.51
CA GLU A 24 1.71 6.34 -18.49
C GLU A 24 2.53 7.55 -18.02
N SER A 25 2.51 7.85 -16.73
CA SER A 25 3.29 8.93 -16.08
C SER A 25 4.68 8.43 -15.67
N GLY A 26 4.81 7.14 -15.37
CA GLY A 26 6.05 6.53 -14.86
C GLY A 26 6.20 6.68 -13.35
N LEU A 27 5.17 7.19 -12.67
CA LEU A 27 5.13 7.36 -11.19
C LEU A 27 5.58 6.07 -10.50
N LYS A 28 6.54 6.16 -9.59
CA LYS A 28 6.91 5.08 -8.64
C LYS A 28 7.01 5.72 -7.25
N ALA A 29 5.95 5.58 -6.44
CA ALA A 29 5.81 6.25 -5.12
C ALA A 29 5.56 5.23 -4.02
N ILE A 30 6.16 5.48 -2.85
CA ILE A 30 5.99 4.68 -1.62
C ILE A 30 5.38 5.60 -0.57
N ILE A 31 4.10 5.43 -0.28
CA ILE A 31 3.42 6.09 0.87
C ILE A 31 3.61 5.15 2.07
N ALA A 32 4.52 5.51 2.97
CA ALA A 32 4.73 4.81 4.25
C ALA A 32 3.87 5.50 5.32
N ILE A 33 3.11 4.71 6.07
CA ILE A 33 2.25 5.17 7.20
C ILE A 33 2.68 4.39 8.44
N HIS A 34 3.31 5.06 9.42
CA HIS A 34 3.83 4.45 10.67
C HIS A 34 2.71 4.33 11.72
N ASP A 35 1.99 5.42 11.97
CA ASP A 35 0.96 5.47 13.03
C ASP A 35 -0.15 6.42 12.59
N THR A 36 -1.41 6.07 12.89
CA THR A 36 -2.60 6.95 12.70
C THR A 36 -3.41 6.97 14.01
N THR A 37 -2.74 6.85 15.16
CA THR A 37 -3.42 6.80 16.48
C THR A 37 -4.12 8.13 16.72
N LEU A 38 -3.39 9.25 16.58
CA LEU A 38 -3.93 10.60 16.89
C LEU A 38 -4.83 11.08 15.75
N GLY A 39 -4.79 10.41 14.58
CA GLY A 39 -5.67 10.72 13.43
C GLY A 39 -4.95 10.57 12.09
N PRO A 40 -5.40 11.25 11.02
CA PRO A 40 -4.77 11.11 9.71
C PRO A 40 -3.26 11.30 9.79
N ALA A 41 -2.49 10.43 9.14
CA ALA A 41 -1.03 10.59 8.98
C ALA A 41 -0.78 11.77 8.04
N LEU A 42 -0.07 12.79 8.53
CA LEU A 42 0.42 13.94 7.73
C LEU A 42 1.91 13.76 7.43
N GLY A 43 2.30 13.92 6.17
CA GLY A 43 3.70 13.80 5.73
C GLY A 43 3.85 14.20 4.27
N GLY A 44 4.97 14.85 3.94
CA GLY A 44 5.21 15.45 2.62
C GLY A 44 5.53 14.41 1.57
N THR A 45 5.51 14.80 0.30
CA THR A 45 6.01 13.98 -0.82
C THR A 45 7.45 14.43 -1.13
N ARG A 46 8.41 13.58 -0.82
CA ARG A 46 9.82 13.71 -1.26
C ARG A 46 9.95 13.12 -2.67
N MET A 47 10.64 13.82 -3.59
CA MET A 47 10.98 13.27 -4.92
C MET A 47 12.49 13.39 -5.12
N TRP A 48 13.20 12.26 -4.99
CA TRP A 48 14.68 12.20 -5.17
C TRP A 48 15.07 10.98 -5.99
N THR A 49 16.23 11.07 -6.62
CA THR A 49 16.98 10.00 -7.31
C THR A 49 17.61 9.11 -6.23
N TYR A 50 17.36 7.79 -6.26
CA TYR A 50 17.81 6.82 -5.20
C TYR A 50 18.78 5.79 -5.77
N ASP A 51 19.88 5.54 -5.05
CA ASP A 51 20.85 4.43 -5.25
C ASP A 51 20.13 3.20 -5.79
N SER A 52 19.12 2.74 -5.05
CA SER A 52 18.39 1.47 -5.27
C SER A 52 17.01 1.54 -4.60
N GLU A 53 16.06 0.75 -5.11
CA GLU A 53 14.67 0.66 -4.62
C GLU A 53 14.65 0.38 -3.11
N GLU A 54 15.58 -0.46 -2.64
CA GLU A 54 15.75 -0.86 -1.22
C GLU A 54 15.92 0.40 -0.35
N ALA A 55 16.75 1.34 -0.81
CA ALA A 55 17.09 2.59 -0.11
C ALA A 55 15.88 3.54 -0.09
N ALA A 56 15.08 3.55 -1.17
CA ALA A 56 13.85 4.37 -1.31
C ALA A 56 12.82 3.94 -0.26
N ILE A 57 12.59 2.62 -0.16
CA ILE A 57 11.66 2.04 0.86
C ILE A 57 12.17 2.38 2.25
N GLU A 58 13.47 2.20 2.48
CA GLU A 58 14.14 2.50 3.78
C GLU A 58 13.86 3.96 4.14
N ASP A 59 14.16 4.88 3.24
CA ASP A 59 13.96 6.34 3.46
C ASP A 59 12.52 6.59 3.89
N ALA A 60 11.57 6.21 3.03
CA ALA A 60 10.10 6.33 3.27
C ALA A 60 9.79 5.99 4.73
N LEU A 61 10.13 4.77 5.17
CA LEU A 61 9.80 4.24 6.52
C LEU A 61 10.44 5.12 7.59
N ARG A 62 11.76 5.32 7.49
CA ARG A 62 12.56 6.23 8.35
C ARG A 62 11.74 7.51 8.60
N LEU A 63 11.46 8.25 7.53
CA LEU A 63 10.91 9.64 7.56
C LEU A 63 9.51 9.65 8.16
N ALA A 64 8.69 8.65 7.81
CA ALA A 64 7.30 8.50 8.29
C ALA A 64 7.32 8.34 9.81
N LYS A 65 7.99 7.30 10.29
CA LYS A 65 8.25 7.02 11.74
C LYS A 65 8.71 8.32 12.41
N GLY A 66 9.51 9.10 11.70
CA GLY A 66 9.89 10.47 12.09
C GLY A 66 8.66 11.32 12.38
N MET A 67 7.88 11.61 11.34
CA MET A 67 6.70 12.51 11.39
C MET A 67 5.81 12.15 12.59
N THR A 68 5.53 10.86 12.79
CA THR A 68 4.67 10.33 13.90
C THR A 68 4.98 11.09 15.19
N TYR A 69 6.29 11.26 15.46
CA TYR A 69 6.88 11.83 16.70
C TYR A 69 6.88 13.36 16.66
N LYS A 70 7.30 13.94 15.54
CA LYS A 70 7.24 15.42 15.29
C LYS A 70 5.81 15.88 15.55
N ASN A 71 4.85 15.28 14.85
CA ASN A 71 3.41 15.64 14.89
C ASN A 71 2.88 15.47 16.32
N ALA A 72 3.23 14.37 16.99
CA ALA A 72 2.83 14.07 18.38
C ALA A 72 3.32 15.21 19.29
N ALA A 73 4.62 15.49 19.30
CA ALA A 73 5.30 16.43 20.22
C ALA A 73 4.85 17.87 19.96
N ALA A 74 4.60 18.20 18.68
CA ALA A 74 4.11 19.52 18.21
C ALA A 74 2.66 19.74 18.63
N GLY A 75 2.04 18.71 19.22
CA GLY A 75 0.68 18.76 19.77
C GLY A 75 -0.36 18.82 18.66
N LEU A 76 -0.08 18.17 17.53
CA LEU A 76 -1.02 18.03 16.40
C LEU A 76 -1.87 16.78 16.61
N ASN A 77 -3.02 16.71 15.95
CA ASN A 77 -3.88 15.50 15.99
C ASN A 77 -3.69 14.75 14.68
N LEU A 78 -2.47 14.25 14.46
CA LEU A 78 -2.05 13.64 13.18
C LEU A 78 -1.01 12.55 13.44
N GLY A 79 -1.05 11.50 12.64
CA GLY A 79 -0.08 10.41 12.71
C GLY A 79 1.08 10.69 11.78
N GLY A 80 1.93 9.68 11.57
CA GLY A 80 3.18 9.79 10.81
C GLY A 80 3.09 9.08 9.47
N ALA A 81 3.44 9.80 8.41
CA ALA A 81 3.59 9.22 7.06
C ALA A 81 4.57 10.07 6.26
N LYS A 82 5.02 9.54 5.13
CA LYS A 82 5.85 10.26 4.16
C LYS A 82 5.74 9.52 2.83
N THR A 83 5.63 10.25 1.73
CA THR A 83 5.63 9.67 0.36
C THR A 83 6.99 9.93 -0.26
N VAL A 84 7.65 8.89 -0.77
CA VAL A 84 8.90 9.00 -1.56
C VAL A 84 8.57 8.61 -3.00
N ILE A 85 8.60 9.57 -3.94
CA ILE A 85 8.64 9.29 -5.41
C ILE A 85 10.10 9.03 -5.76
N ILE A 86 10.38 7.96 -6.51
CA ILE A 86 11.70 7.69 -7.14
C ILE A 86 11.74 8.43 -8.48
N GLY A 87 12.59 9.45 -8.60
CA GLY A 87 12.67 10.27 -9.82
C GLY A 87 13.63 11.43 -9.67
N ASP A 88 14.03 12.00 -10.81
CA ASP A 88 14.84 13.25 -10.91
C ASP A 88 13.87 14.42 -11.07
N PRO A 89 13.51 15.15 -9.99
CA PRO A 89 12.56 16.26 -10.06
C PRO A 89 12.81 17.20 -11.25
N ARG A 90 14.07 17.36 -11.65
CA ARG A 90 14.49 18.24 -12.77
C ARG A 90 13.94 17.69 -14.11
N LYS A 91 13.61 16.39 -14.21
CA LYS A 91 13.39 15.70 -15.50
C LYS A 91 12.05 14.95 -15.55
N ASP A 92 11.71 14.17 -14.52
CA ASP A 92 10.71 13.06 -14.60
C ASP A 92 9.29 13.52 -14.26
N LYS A 93 9.09 14.77 -13.84
CA LYS A 93 7.77 15.27 -13.36
C LYS A 93 6.81 15.42 -14.55
N SER A 94 5.51 15.26 -14.31
CA SER A 94 4.42 15.54 -15.30
C SER A 94 3.13 15.85 -14.53
N GLU A 95 2.14 16.43 -15.19
CA GLU A 95 0.78 16.61 -14.62
C GLU A 95 0.26 15.23 -14.25
N ALA A 96 0.24 14.32 -15.24
CA ALA A 96 -0.18 12.91 -15.12
C ALA A 96 0.40 12.30 -13.85
N MET A 97 1.70 12.48 -13.62
CA MET A 97 2.39 11.92 -12.42
C MET A 97 1.60 12.31 -11.15
N PHE A 98 1.30 13.59 -10.99
CA PHE A 98 0.71 14.14 -9.74
C PHE A 98 -0.80 13.88 -9.75
N ARG A 99 -1.43 13.89 -10.94
CA ARG A 99 -2.87 13.53 -11.10
C ARG A 99 -3.06 12.08 -10.64
N ALA A 100 -2.15 11.18 -11.03
CA ALA A 100 -2.16 9.75 -10.67
C ALA A 100 -2.04 9.61 -9.14
N LEU A 101 -0.97 10.16 -8.57
CA LEU A 101 -0.65 10.10 -7.11
C LEU A 101 -1.84 10.63 -6.31
N GLY A 102 -2.37 11.79 -6.71
CA GLY A 102 -3.59 12.37 -6.13
C GLY A 102 -4.69 11.32 -5.97
N ARG A 103 -4.99 10.60 -7.05
CA ARG A 103 -6.06 9.56 -7.05
C ARG A 103 -5.70 8.51 -5.99
N TYR A 104 -4.47 7.98 -6.03
CA TYR A 104 -3.98 6.96 -5.07
C TYR A 104 -4.15 7.47 -3.63
N ILE A 105 -3.99 8.78 -3.40
CA ILE A 105 -4.10 9.45 -2.07
C ILE A 105 -5.58 9.54 -1.63
N GLN A 106 -6.49 9.77 -2.59
CA GLN A 106 -7.97 9.72 -2.37
C GLN A 106 -8.38 8.24 -2.21
N GLY A 107 -7.58 7.35 -2.81
CA GLY A 107 -7.70 5.89 -2.67
C GLY A 107 -7.39 5.43 -1.26
N LEU A 108 -6.90 6.34 -0.41
CA LEU A 108 -6.62 6.06 1.02
C LEU A 108 -7.63 6.79 1.91
N ASN A 109 -8.43 7.70 1.34
CA ASN A 109 -9.63 8.32 1.98
C ASN A 109 -9.32 8.78 3.41
N GLY A 110 -8.29 9.62 3.54
CA GLY A 110 -8.03 10.42 4.74
C GLY A 110 -7.09 9.75 5.72
N ARG A 111 -6.61 8.55 5.42
CA ARG A 111 -5.57 7.89 6.25
C ARG A 111 -4.27 8.67 6.04
N TYR A 112 -3.99 9.09 4.79
CA TYR A 112 -2.79 9.88 4.44
C TYR A 112 -3.21 11.26 3.93
N ILE A 113 -2.51 12.29 4.42
CA ILE A 113 -2.54 13.71 3.95
C ILE A 113 -1.10 14.10 3.56
N THR A 114 -0.90 14.61 2.35
CA THR A 114 0.45 14.95 1.80
C THR A 114 0.66 16.46 1.82
N ALA A 115 1.89 16.87 1.52
CA ALA A 115 2.33 18.27 1.34
C ALA A 115 3.68 18.26 0.62
N GLU A 116 4.26 19.44 0.38
CA GLU A 116 5.58 19.60 -0.27
C GLU A 116 6.65 19.01 0.66
N ASP A 117 7.75 18.54 0.05
CA ASP A 117 9.02 18.17 0.69
C ASP A 117 10.13 18.36 -0.36
N VAL A 118 11.33 17.84 -0.10
CA VAL A 118 12.47 17.87 -1.07
C VAL A 118 12.00 17.35 -2.43
N GLY A 119 11.99 18.21 -3.45
CA GLY A 119 11.82 17.83 -4.87
C GLY A 119 10.39 17.97 -5.34
N THR A 120 9.51 18.60 -4.55
CA THR A 120 8.09 18.86 -4.93
C THR A 120 7.77 20.34 -4.71
N THR A 121 7.28 21.01 -5.78
CA THR A 121 6.83 22.43 -5.80
C THR A 121 5.47 22.51 -5.10
N VAL A 122 4.85 23.69 -5.00
CA VAL A 122 3.39 23.80 -4.65
C VAL A 122 2.63 23.38 -5.90
N ASP A 123 2.95 23.97 -7.07
CA ASP A 123 2.33 23.64 -8.37
C ASP A 123 2.11 22.13 -8.44
N ASP A 124 3.02 21.35 -7.86
CA ASP A 124 2.91 19.88 -7.68
C ASP A 124 1.66 19.55 -6.85
N MET A 125 1.63 19.98 -5.60
CA MET A 125 0.49 19.80 -4.68
C MET A 125 -0.80 20.29 -5.35
N ASP A 126 -0.73 21.40 -6.12
CA ASP A 126 -1.88 22.04 -6.81
C ASP A 126 -2.51 21.07 -7.80
N ILE A 127 -1.69 20.24 -8.46
CA ILE A 127 -2.15 19.18 -9.41
C ILE A 127 -2.76 18.04 -8.59
N ILE A 128 -2.10 17.63 -7.51
CA ILE A 128 -2.60 16.60 -6.54
C ILE A 128 -3.96 17.06 -6.01
N HIS A 129 -4.11 18.36 -5.69
CA HIS A 129 -5.35 18.97 -5.12
C HIS A 129 -6.52 18.75 -6.08
N GLU A 130 -6.25 18.57 -7.38
CA GLU A 130 -7.29 18.34 -8.41
C GLU A 130 -8.03 17.03 -8.11
N GLU A 131 -7.38 16.06 -7.45
CA GLU A 131 -7.90 14.66 -7.32
C GLU A 131 -8.42 14.35 -5.91
N THR A 132 -8.17 15.25 -4.94
CA THR A 132 -8.28 14.97 -3.49
C THR A 132 -8.08 16.28 -2.71
N ASP A 133 -8.55 16.32 -1.46
CA ASP A 133 -8.31 17.47 -0.54
C ASP A 133 -7.37 17.05 0.58
N PHE A 134 -6.89 15.80 0.57
CA PHE A 134 -5.97 15.25 1.61
C PHE A 134 -4.53 15.66 1.26
N VAL A 135 -4.31 16.97 1.33
CA VAL A 135 -3.12 17.68 0.81
C VAL A 135 -3.14 19.10 1.40
N THR A 136 -2.00 19.66 1.71
CA THR A 136 -1.91 20.99 2.35
C THR A 136 -0.67 21.72 1.81
N GLY A 137 -0.56 23.03 2.08
CA GLY A 137 0.46 23.91 1.49
C GLY A 137 0.10 24.25 0.06
N ILE A 138 -1.01 24.97 -0.11
CA ILE A 138 -1.54 25.43 -1.42
C ILE A 138 -1.54 26.97 -1.44
N SER A 139 -0.58 27.56 -2.17
CA SER A 139 -0.22 29.01 -2.14
C SER A 139 -1.15 29.83 -3.03
N PRO A 140 -1.50 29.40 -4.28
CA PRO A 140 -2.53 30.07 -5.08
C PRO A 140 -3.79 30.40 -4.26
N SER A 141 -4.24 29.50 -3.39
CA SER A 141 -5.32 29.73 -2.39
C SER A 141 -4.92 30.88 -1.47
N SER A 145 -3.15 29.10 3.55
CA SER A 145 -1.91 29.47 2.82
C SER A 145 -0.81 29.89 3.83
N GLY A 146 0.31 29.15 3.89
CA GLY A 146 1.47 29.45 4.76
C GLY A 146 2.57 30.24 4.05
N ASN A 147 3.77 30.29 4.61
CA ASN A 147 4.93 31.06 4.09
C ASN A 147 5.97 30.13 3.43
N PRO A 148 6.44 29.02 4.05
CA PRO A 148 6.30 28.69 5.48
C PRO A 148 7.60 28.75 6.30
N SER A 149 8.69 29.25 5.72
CA SER A 149 10.07 29.28 6.29
C SER A 149 10.14 30.20 7.50
N PRO A 150 9.58 31.44 7.44
CA PRO A 150 9.68 32.39 8.56
C PRO A 150 9.05 31.87 9.86
N VAL A 151 8.07 30.99 9.74
CA VAL A 151 7.29 30.40 10.86
C VAL A 151 8.19 29.37 11.56
N THR A 152 8.76 28.45 10.78
CA THR A 152 9.79 27.47 11.23
C THR A 152 10.82 28.21 12.07
N ALA A 153 11.31 29.34 11.53
CA ALA A 153 12.36 30.23 12.05
C ALA A 153 11.94 30.85 13.38
N TYR A 154 10.75 31.44 13.42
CA TYR A 154 10.10 31.93 14.66
C TYR A 154 9.97 30.75 15.64
N GLY A 155 9.68 29.57 15.12
CA GLY A 155 9.65 28.30 15.88
C GLY A 155 10.94 28.08 16.65
N VAL A 156 12.08 28.32 16.00
CA VAL A 156 13.44 28.16 16.60
C VAL A 156 13.66 29.27 17.63
N TYR A 157 13.42 30.52 17.23
CA TYR A 157 13.56 31.73 18.09
C TYR A 157 13.01 31.41 19.49
N ARG A 158 11.83 30.78 19.55
CA ARG A 158 11.13 30.42 20.80
C ARG A 158 11.83 29.22 21.44
N GLY A 159 12.12 28.19 20.67
CA GLY A 159 12.84 26.99 21.14
C GLY A 159 14.18 27.36 21.77
N MET A 160 14.91 28.28 21.13
CA MET A 160 16.27 28.74 21.55
C MET A 160 16.15 29.41 22.92
N LYS A 161 15.11 30.21 23.14
CA LYS A 161 14.91 31.00 24.39
C LYS A 161 14.86 30.05 25.59
N ALA A 162 13.97 29.06 25.56
CA ALA A 162 13.78 28.08 26.66
C ALA A 162 15.09 27.32 26.92
N ALA A 163 15.84 27.00 25.86
CA ALA A 163 17.19 26.37 25.92
C ALA A 163 18.16 27.32 26.61
N ALA A 164 18.20 28.60 26.19
CA ALA A 164 19.05 29.67 26.77
C ALA A 164 18.78 29.77 28.28
N LYS A 165 17.50 29.79 28.69
CA LYS A 165 17.09 30.01 30.11
C LYS A 165 17.62 28.86 30.98
N GLU A 166 17.75 27.66 30.41
CA GLU A 166 18.25 26.47 31.15
C GLU A 166 19.75 26.61 31.34
N ALA A 167 20.52 26.67 30.25
CA ALA A 167 22.00 26.62 30.25
C ALA A 167 22.59 27.95 30.72
N VAL A 168 21.89 29.05 30.44
CA VAL A 168 22.46 30.42 30.44
C VAL A 168 21.74 31.24 31.54
N GLY A 169 20.55 30.85 32.00
CA GLY A 169 19.94 31.36 33.25
C GLY A 169 18.73 32.27 33.03
N THR A 170 18.70 33.02 31.92
CA THR A 170 17.60 33.93 31.50
C THR A 170 17.20 33.65 30.04
N ASP A 171 15.90 33.74 29.73
CA ASP A 171 15.35 33.50 28.38
C ASP A 171 15.60 34.72 27.48
N ASN A 172 16.23 35.77 28.01
CA ASN A 172 16.69 36.91 27.16
C ASN A 172 17.96 36.47 26.42
N LEU A 173 18.11 36.96 25.19
CA LEU A 173 19.24 36.66 24.27
C LEU A 173 20.05 37.93 24.00
N GLU A 174 19.70 39.05 24.65
CA GLU A 174 20.49 40.31 24.64
C GLU A 174 21.90 39.98 25.17
N GLY A 175 22.93 40.38 24.42
CA GLY A 175 24.35 40.23 24.81
C GLY A 175 24.91 38.86 24.49
N LYS A 176 24.05 37.89 24.16
CA LYS A 176 24.47 36.52 23.78
C LYS A 176 24.99 36.56 22.34
N VAL A 177 26.06 35.79 22.09
CA VAL A 177 26.65 35.57 20.74
C VAL A 177 26.07 34.26 20.20
N ILE A 178 25.60 34.28 18.94
CA ILE A 178 24.90 33.14 18.29
C ILE A 178 25.67 32.77 17.02
N ALA A 179 26.16 31.53 16.92
CA ALA A 179 26.76 30.98 15.68
C ALA A 179 25.65 30.38 14.79
N VAL A 180 25.25 31.10 13.74
CA VAL A 180 24.13 30.70 12.83
C VAL A 180 24.74 30.05 11.58
N GLN A 181 24.83 28.71 11.57
CA GLN A 181 25.37 27.92 10.43
C GLN A 181 24.32 27.88 9.32
N GLY A 182 24.60 28.57 8.20
CA GLY A 182 23.66 28.80 7.09
C GLY A 182 22.90 30.11 7.28
N VAL A 183 22.80 30.93 6.24
CA VAL A 183 21.82 32.05 6.15
C VAL A 183 20.86 31.70 5.00
N GLY A 184 20.15 30.58 5.15
CA GLY A 184 19.06 30.12 4.29
C GLY A 184 17.79 30.91 4.54
N ASN A 185 16.69 30.52 3.90
CA ASN A 185 15.40 31.24 3.99
C ASN A 185 14.97 31.28 5.46
N VAL A 186 15.19 30.20 6.21
CA VAL A 186 14.83 30.09 7.67
C VAL A 186 15.81 30.93 8.47
N ALA A 187 17.11 30.59 8.38
CA ALA A 187 18.21 31.18 9.17
C ALA A 187 18.13 32.72 9.16
N TYR A 188 17.98 33.32 7.98
CA TYR A 188 17.83 34.79 7.78
C TYR A 188 16.76 35.33 8.74
N HIS A 189 15.53 34.82 8.62
CA HIS A 189 14.35 35.25 9.42
C HIS A 189 14.59 34.95 10.90
N LEU A 190 15.35 33.91 11.24
CA LEU A 190 15.75 33.63 12.64
C LEU A 190 16.63 34.81 13.12
N CYS A 191 17.68 35.13 12.37
CA CYS A 191 18.59 36.30 12.59
C CYS A 191 17.74 37.57 12.80
N LYS A 192 16.80 37.82 11.90
CA LYS A 192 15.89 39.00 11.97
C LYS A 192 15.38 39.14 13.41
N HIS A 193 14.78 38.09 13.98
CA HIS A 193 14.26 38.05 15.38
C HIS A 193 15.41 38.29 16.38
N LEU A 194 16.52 37.57 16.21
CA LEU A 194 17.66 37.52 17.17
C LEU A 194 18.29 38.91 17.31
N HIS A 195 18.81 39.47 16.21
CA HIS A 195 19.37 40.84 16.11
C HIS A 195 18.47 41.86 16.80
N ALA A 196 17.16 41.82 16.50
CA ALA A 196 16.16 42.79 16.98
C ALA A 196 15.72 42.43 18.41
N GLU A 197 16.44 41.55 19.09
CA GLU A 197 16.37 41.30 20.56
C GLU A 197 17.77 41.49 21.16
N GLY A 198 18.61 42.28 20.47
CA GLY A 198 19.93 42.73 20.96
C GLY A 198 20.93 41.60 21.10
N ALA A 199 20.86 40.59 20.23
CA ALA A 199 21.82 39.46 20.18
C ALA A 199 22.90 39.78 19.13
N LYS A 200 24.02 39.07 19.17
CA LYS A 200 25.16 39.26 18.24
C LYS A 200 25.37 37.96 17.44
N LEU A 201 25.48 38.11 16.12
CA LEU A 201 25.46 36.97 15.15
C LEU A 201 26.87 36.73 14.60
N ILE A 202 27.27 35.46 14.56
CA ILE A 202 28.40 34.95 13.74
C ILE A 202 27.80 33.99 12.71
N VAL A 203 27.80 34.41 11.44
CA VAL A 203 27.11 33.73 10.32
C VAL A 203 28.19 33.13 9.41
N THR A 204 27.81 32.08 8.69
CA THR A 204 28.68 31.34 7.73
C THR A 204 27.76 30.73 6.68
N ASP A 205 28.26 30.53 5.47
CA ASP A 205 27.43 30.07 4.32
C ASP A 205 28.34 29.85 3.11
N ILE A 206 27.94 28.92 2.23
CA ILE A 206 28.65 28.57 0.96
C ILE A 206 28.27 29.58 -0.12
N ASN A 207 27.10 30.23 0.00
CA ASN A 207 26.75 31.47 -0.74
C ASN A 207 27.27 32.65 0.08
N LYS A 208 28.35 33.30 -0.38
CA LYS A 208 29.01 34.41 0.35
C LYS A 208 28.17 35.68 0.21
N GLU A 209 27.36 35.80 -0.84
CA GLU A 209 26.42 36.94 -1.03
C GLU A 209 25.33 36.89 0.06
N ALA A 210 24.81 35.71 0.39
CA ALA A 210 23.81 35.48 1.47
C ALA A 210 24.39 35.97 2.81
N VAL A 211 25.67 35.72 3.04
CA VAL A 211 26.44 36.17 4.25
C VAL A 211 26.42 37.71 4.29
N GLN A 212 26.73 38.34 3.15
CA GLN A 212 26.90 39.81 3.02
C GLN A 212 25.60 40.52 3.42
N ARG A 213 24.45 39.95 3.01
CA ARG A 213 23.09 40.43 3.39
C ARG A 213 23.00 40.50 4.91
N ALA A 214 23.50 39.47 5.61
CA ALA A 214 23.43 39.31 7.08
C ALA A 214 24.35 40.31 7.79
N VAL A 215 25.59 40.44 7.31
CA VAL A 215 26.61 41.40 7.86
C VAL A 215 26.06 42.81 7.74
N GLU A 216 25.46 43.12 6.58
CA GLU A 216 24.96 44.48 6.22
C GLU A 216 23.69 44.80 7.02
N GLU A 217 22.78 43.83 7.21
CA GLU A 217 21.43 44.06 7.78
C GLU A 217 21.42 43.89 9.32
N PHE A 218 22.34 43.13 9.92
CA PHE A 218 22.37 42.85 11.38
C PHE A 218 23.74 43.18 12.00
N GLY A 219 24.61 43.91 11.29
CA GLY A 219 25.98 44.26 11.75
C GLY A 219 26.77 43.05 12.24
N ALA A 220 26.67 41.94 11.51
CA ALA A 220 27.12 40.59 11.93
C ALA A 220 28.56 40.34 11.50
N SER A 221 29.20 39.40 12.19
CA SER A 221 30.53 38.81 11.90
C SER A 221 30.34 37.61 10.99
N ALA A 222 31.41 37.20 10.30
CA ALA A 222 31.42 36.08 9.34
C ALA A 222 32.62 35.17 9.61
N VAL A 223 32.47 33.88 9.31
CA VAL A 223 33.53 32.85 9.45
C VAL A 223 33.42 31.93 8.23
N GLU A 224 34.51 31.28 7.84
CA GLU A 224 34.51 30.32 6.70
C GLU A 224 33.71 29.08 7.12
N PRO A 225 32.94 28.44 6.20
CA PRO A 225 32.13 27.27 6.56
C PRO A 225 32.75 26.31 7.57
N ASN A 226 34.02 25.94 7.34
CA ASN A 226 34.80 24.90 8.06
C ASN A 226 34.96 25.21 9.57
N GLU A 227 34.77 26.47 9.99
CA GLU A 227 35.32 27.04 11.24
C GLU A 227 34.23 27.26 12.30
N ILE A 228 32.97 27.45 11.86
CA ILE A 228 31.77 27.88 12.67
C ILE A 228 31.63 27.09 13.99
N TYR A 229 32.28 25.91 14.14
CA TYR A 229 32.13 25.02 15.32
C TYR A 229 32.95 25.55 16.50
N GLY A 230 34.25 25.83 16.26
CA GLY A 230 35.23 26.28 17.26
C GLY A 230 35.19 27.78 17.56
N VAL A 231 34.33 28.52 16.87
CA VAL A 231 34.04 29.96 17.13
C VAL A 231 33.61 30.12 18.59
N GLU A 232 34.18 31.11 19.30
CA GLU A 232 33.74 31.49 20.67
C GLU A 232 32.36 32.14 20.57
N CYS A 233 31.33 31.41 20.99
CA CYS A 233 29.89 31.77 20.88
C CYS A 233 29.11 31.06 21.98
N ASP A 234 27.92 31.56 22.32
CA ASP A 234 27.13 31.14 23.51
C ASP A 234 26.07 30.10 23.11
N ILE A 235 25.68 30.10 21.82
CA ILE A 235 24.63 29.23 21.23
C ILE A 235 25.04 28.88 19.79
N TYR A 236 24.82 27.62 19.39
CA TYR A 236 25.05 27.09 18.02
C TYR A 236 23.70 26.74 17.37
N ALA A 237 23.49 27.23 16.14
CA ALA A 237 22.20 27.18 15.43
C ALA A 237 22.39 26.61 14.03
N PRO A 238 22.41 25.27 13.88
CA PRO A 238 22.52 24.66 12.55
C PRO A 238 21.24 24.87 11.73
N CYS A 239 21.32 25.66 10.66
CA CYS A 239 20.19 26.05 9.79
C CYS A 239 20.55 25.85 8.32
N ALA A 240 21.44 24.88 8.05
CA ALA A 240 21.87 24.48 6.71
C ALA A 240 21.86 22.95 6.59
N LEU A 241 22.75 22.27 7.32
CA LEU A 241 22.96 20.80 7.13
C LEU A 241 22.73 20.03 8.42
N GLY A 242 22.37 18.77 8.27
CA GLY A 242 22.17 17.79 9.35
C GLY A 242 23.42 16.98 9.57
N ALA A 243 23.38 16.05 10.53
CA ALA A 243 24.53 15.25 11.02
C ALA A 243 25.73 16.19 11.25
N THR A 244 25.47 17.42 11.70
CA THR A 244 26.47 18.49 11.96
C THR A 244 27.01 18.37 13.39
N VAL A 245 26.57 17.35 14.14
CA VAL A 245 26.90 17.15 15.58
C VAL A 245 27.49 15.74 15.71
N ASN A 246 28.73 15.58 15.24
CA ASN A 246 29.47 14.30 15.09
C ASN A 246 30.73 14.37 15.96
N ASP A 247 31.52 13.29 16.00
CA ASP A 247 32.74 13.17 16.86
C ASP A 247 33.74 14.30 16.50
N GLU A 248 33.71 14.78 15.26
CA GLU A 248 34.56 15.86 14.68
C GLU A 248 34.25 17.23 15.32
N THR A 249 32.96 17.57 15.45
CA THR A 249 32.47 18.94 15.72
C THR A 249 32.18 19.15 17.22
N ILE A 250 31.85 18.09 17.97
CA ILE A 250 31.40 18.16 19.39
C ILE A 250 32.52 18.69 20.29
N PRO A 251 33.78 18.22 20.13
CA PRO A 251 34.88 18.77 20.94
C PRO A 251 35.32 20.16 20.48
N GLN A 252 35.03 20.52 19.22
CA GLN A 252 35.28 21.87 18.64
C GLN A 252 34.33 22.91 19.24
N LEU A 253 33.22 22.46 19.85
CA LEU A 253 32.01 23.28 20.10
C LEU A 253 32.20 24.13 21.35
N LYS A 254 32.09 25.45 21.23
CA LYS A 254 32.34 26.39 22.36
C LYS A 254 31.01 26.73 23.02
N ALA A 255 29.91 26.79 22.27
CA ALA A 255 28.55 27.16 22.78
C ALA A 255 28.07 26.12 23.82
N LYS A 256 27.18 26.56 24.72
CA LYS A 256 26.57 25.73 25.80
C LYS A 256 25.14 25.36 25.44
N VAL A 257 24.64 25.86 24.31
CA VAL A 257 23.27 25.58 23.77
C VAL A 257 23.39 25.29 22.27
N ILE A 258 22.81 24.18 21.81
CA ILE A 258 22.56 23.89 20.37
C ILE A 258 21.06 24.03 20.13
N ALA A 259 20.68 24.78 19.09
CA ALA A 259 19.26 25.01 18.70
C ALA A 259 19.21 25.62 17.30
N GLY A 260 18.73 24.86 16.33
CA GLY A 260 18.66 25.28 14.91
C GLY A 260 17.47 24.67 14.20
N SER A 261 17.35 24.91 12.89
CA SER A 261 16.23 24.46 12.03
C SER A 261 16.53 23.10 11.39
N ALA A 262 17.80 22.71 11.32
CA ALA A 262 18.30 21.52 10.59
C ALA A 262 17.70 20.23 11.17
N ASN A 263 17.50 19.22 10.31
CA ASN A 263 17.00 17.86 10.67
C ASN A 263 18.19 16.91 10.86
N ASN A 264 18.05 15.93 11.77
CA ASN A 264 19.10 14.92 12.08
C ASN A 264 20.38 15.64 12.51
N GLN A 265 20.25 16.63 13.38
CA GLN A 265 21.39 17.41 13.92
C GLN A 265 22.41 16.43 14.50
N LEU A 266 21.95 15.37 15.20
CA LEU A 266 22.82 14.30 15.78
C LEU A 266 23.15 13.28 14.69
N LYS A 267 24.44 12.97 14.51
CA LYS A 267 24.93 12.02 13.47
C LYS A 267 24.63 10.58 13.92
N GLU A 268 24.73 10.30 15.21
CA GLU A 268 24.36 9.00 15.82
C GLU A 268 23.73 9.26 17.19
N ASN A 269 22.87 8.34 17.66
CA ASN A 269 22.18 8.42 18.96
C ASN A 269 23.17 8.84 20.06
N ARG A 270 24.34 8.20 20.10
CA ARG A 270 25.36 8.33 21.17
C ARG A 270 25.79 9.79 21.32
N HIS A 271 25.91 10.56 20.22
CA HIS A 271 26.35 11.98 20.24
C HIS A 271 25.44 12.83 21.14
N GLY A 272 24.14 12.51 21.21
CA GLY A 272 23.19 13.15 22.14
C GLY A 272 23.55 12.84 23.59
N ASP A 273 23.86 11.57 23.87
CA ASP A 273 24.15 11.03 25.23
C ASP A 273 25.34 11.80 25.84
N ILE A 274 26.39 12.06 25.04
CA ILE A 274 27.69 12.64 25.53
C ILE A 274 27.51 14.14 25.72
N ILE A 275 26.89 14.83 24.76
CA ILE A 275 26.55 16.27 24.80
C ILE A 275 25.84 16.61 26.12
N HIS A 276 24.91 15.74 26.56
CA HIS A 276 24.18 15.82 27.85
C HIS A 276 25.20 15.95 29.00
N GLU A 277 26.22 15.09 28.99
CA GLU A 277 27.20 14.94 30.09
C GLU A 277 28.31 15.99 29.98
N MET A 278 28.42 16.71 28.86
CA MET A 278 29.36 17.85 28.71
C MET A 278 28.72 19.12 29.26
N GLY A 279 27.42 19.09 29.58
CA GLY A 279 26.65 20.25 30.04
C GLY A 279 26.12 21.13 28.90
N ILE A 280 26.25 20.66 27.64
CA ILE A 280 25.64 21.33 26.46
C ILE A 280 24.15 21.04 26.45
N VAL A 281 23.33 22.08 26.23
CA VAL A 281 21.83 21.99 26.24
C VAL A 281 21.34 21.96 24.79
N TYR A 282 20.90 20.78 24.34
CA TYR A 282 20.46 20.50 22.95
C TYR A 282 18.93 20.54 22.89
N ALA A 283 18.40 21.58 22.23
CA ALA A 283 17.01 21.63 21.73
C ALA A 283 16.88 20.63 20.59
N PRO A 284 16.17 19.49 20.78
CA PRO A 284 16.10 18.44 19.77
C PRO A 284 15.46 18.92 18.46
N ASP A 285 16.09 18.57 17.33
CA ASP A 285 15.69 18.92 15.95
C ASP A 285 14.16 18.97 15.81
N TYR A 286 13.50 17.81 15.90
CA TYR A 286 12.10 17.60 15.44
C TYR A 286 11.08 18.30 16.35
N VAL A 287 11.52 18.84 17.50
CA VAL A 287 10.66 19.65 18.41
C VAL A 287 10.71 21.11 17.95
N ILE A 288 11.91 21.61 17.62
CA ILE A 288 12.22 23.05 17.32
C ILE A 288 11.68 23.46 15.93
N ASN A 289 11.99 22.70 14.86
CA ASN A 289 11.67 23.06 13.45
C ASN A 289 10.19 22.73 13.12
N ALA A 290 9.48 22.13 14.08
CA ALA A 290 8.03 21.79 14.05
C ALA A 290 7.22 22.95 13.45
N GLY A 291 7.64 24.19 13.69
CA GLY A 291 6.95 25.42 13.22
C GLY A 291 6.31 25.24 11.84
N GLY A 292 7.09 24.77 10.86
CA GLY A 292 6.70 24.62 9.45
C GLY A 292 5.50 23.70 9.27
N VAL A 293 5.61 22.49 9.84
CA VAL A 293 4.50 21.49 9.92
C VAL A 293 3.30 22.13 10.64
N ILE A 294 3.51 22.61 11.87
CA ILE A 294 2.46 23.23 12.74
C ILE A 294 1.66 24.25 11.92
N ASN A 295 2.27 24.82 10.88
CA ASN A 295 1.64 25.86 10.02
C ASN A 295 0.73 25.19 8.99
N VAL A 296 1.26 24.30 8.16
CA VAL A 296 0.49 23.57 7.11
C VAL A 296 -0.57 22.71 7.80
N ALA A 297 -0.29 22.28 9.04
CA ALA A 297 -1.23 21.54 9.93
C ALA A 297 -2.44 22.43 10.24
N ASP A 298 -2.20 23.71 10.55
CA ASP A 298 -3.27 24.67 10.86
C ASP A 298 -4.03 25.02 9.58
N GLU A 299 -3.41 24.86 8.41
CA GLU A 299 -4.06 25.08 7.08
C GLU A 299 -5.33 24.22 6.98
N LEU A 300 -5.31 23.00 7.51
CA LEU A 300 -6.40 22.00 7.35
C LEU A 300 -7.61 22.37 8.21
N TYR A 301 -7.41 22.64 9.52
CA TYR A 301 -8.48 23.17 10.42
C TYR A 301 -9.10 24.42 9.77
N GLY A 302 -8.34 25.08 8.87
CA GLY A 302 -8.73 26.32 8.16
C GLY A 302 -7.88 27.49 8.64
N TYR A 303 -6.95 28.01 7.81
CA TYR A 303 -5.78 28.79 8.29
C TYR A 303 -6.26 30.00 9.09
N ASN A 304 -5.55 30.26 10.20
CA ASN A 304 -5.78 31.39 11.15
C ASN A 304 -4.41 31.86 11.65
N ARG A 305 -3.94 33.00 11.13
CA ARG A 305 -2.56 33.50 11.37
C ARG A 305 -2.25 33.45 12.87
N GLU A 306 -3.10 34.08 13.70
CA GLU A 306 -2.87 34.22 15.16
C GLU A 306 -2.71 32.81 15.77
N ARG A 307 -3.79 32.03 15.81
CA ARG A 307 -3.83 30.67 16.44
C ARG A 307 -2.67 29.80 15.93
N ALA A 308 -2.35 29.90 14.63
CA ALA A 308 -1.25 29.13 13.98
C ALA A 308 0.05 29.38 14.75
N LEU A 309 0.41 30.67 14.87
CA LEU A 309 1.67 31.15 15.51
C LEU A 309 1.67 30.77 16.99
N LYS A 310 0.51 30.81 17.65
CA LYS A 310 0.39 30.57 19.11
C LYS A 310 0.71 29.10 19.43
N ARG A 311 0.41 28.17 18.51
CA ARG A 311 0.80 26.74 18.64
C ARG A 311 2.31 26.62 18.37
N VAL A 312 2.85 27.50 17.52
CA VAL A 312 4.31 27.60 17.19
C VAL A 312 5.04 28.17 18.41
N GLU A 313 4.53 29.29 18.95
CA GLU A 313 5.00 29.93 20.20
C GLU A 313 5.18 28.86 21.29
N SER A 314 4.24 27.93 21.39
CA SER A 314 4.21 26.85 22.43
C SER A 314 5.53 26.07 22.44
N ILE A 315 6.27 26.04 21.32
CA ILE A 315 7.56 25.30 21.19
C ILE A 315 8.41 25.61 22.43
N TYR A 316 8.49 26.87 22.86
CA TYR A 316 9.17 27.29 24.12
C TYR A 316 8.92 26.22 25.18
N ASP A 317 7.65 25.98 25.49
CA ASP A 317 7.20 25.14 26.64
C ASP A 317 7.49 23.66 26.34
N THR A 318 7.39 23.22 25.09
CA THR A 318 7.65 21.82 24.67
C THR A 318 9.12 21.49 24.97
N ILE A 319 10.03 22.40 24.64
CA ILE A 319 11.49 22.30 24.92
C ILE A 319 11.67 22.30 26.45
N ALA A 320 11.09 23.30 27.13
CA ALA A 320 11.15 23.48 28.60
C ALA A 320 10.78 22.17 29.30
N LYS A 321 9.69 21.51 28.86
CA LYS A 321 9.21 20.20 29.38
C LYS A 321 10.27 19.12 29.07
N VAL A 322 10.76 19.08 27.82
CA VAL A 322 11.81 18.14 27.34
C VAL A 322 13.08 18.34 28.19
N ILE A 323 13.43 19.60 28.47
CA ILE A 323 14.56 20.03 29.35
C ILE A 323 14.35 19.47 30.76
N GLU A 324 13.15 19.68 31.33
CA GLU A 324 12.74 19.21 32.70
C GLU A 324 12.97 17.70 32.80
N ILE A 325 12.37 16.93 31.90
CA ILE A 325 12.39 15.44 31.88
C ILE A 325 13.84 14.95 31.69
N SER A 326 14.68 15.73 31.00
CA SER A 326 16.12 15.43 30.75
C SER A 326 16.89 15.40 32.07
N LYS A 327 16.40 16.12 33.09
CA LYS A 327 16.93 16.10 34.48
C LYS A 327 16.16 15.08 35.33
N ARG A 328 14.83 15.27 35.46
CA ARG A 328 13.93 14.45 36.33
C ARG A 328 14.16 12.94 36.10
N ASP A 329 14.65 12.54 34.91
CA ASP A 329 14.96 11.13 34.56
C ASP A 329 16.46 10.95 34.26
N GLY A 330 17.22 12.05 34.11
CA GLY A 330 18.67 12.04 33.85
C GLY A 330 19.00 11.34 32.54
N ILE A 331 18.51 11.88 31.42
CA ILE A 331 18.61 11.30 30.05
C ILE A 331 18.75 12.44 29.04
N ALA A 332 19.39 12.18 27.89
CA ALA A 332 19.64 13.19 26.82
C ALA A 332 18.31 13.75 26.32
N THR A 333 18.30 15.04 25.96
CA THR A 333 17.07 15.82 25.64
C THR A 333 16.26 15.16 24.53
N TYR A 334 16.91 14.48 23.58
CA TYR A 334 16.22 13.82 22.43
C TYR A 334 15.43 12.61 22.94
N VAL A 335 15.95 11.90 23.94
CA VAL A 335 15.26 10.72 24.56
C VAL A 335 14.01 11.19 25.31
N ALA A 336 14.12 12.28 26.07
CA ALA A 336 12.99 12.91 26.78
C ALA A 336 11.90 13.28 25.76
N ALA A 337 12.31 13.84 24.62
CA ALA A 337 11.42 14.26 23.51
C ALA A 337 10.69 13.03 22.95
N ASP A 338 11.43 11.95 22.67
CA ASP A 338 10.85 10.66 22.21
C ASP A 338 9.75 10.21 23.19
N ARG A 339 9.99 10.38 24.49
CA ARG A 339 9.06 9.91 25.56
C ARG A 339 7.88 10.87 25.69
N LEU A 340 8.13 12.18 25.54
CA LEU A 340 7.08 13.23 25.59
C LEU A 340 5.99 12.87 24.57
N ALA A 341 6.41 12.59 23.32
CA ALA A 341 5.55 12.15 22.20
C ALA A 341 4.81 10.87 22.61
N GLU A 342 5.55 9.78 22.84
CA GLU A 342 5.01 8.45 23.21
C GLU A 342 3.90 8.60 24.27
N GLU A 343 4.20 9.33 25.35
CA GLU A 343 3.29 9.53 26.51
C GLU A 343 1.98 10.15 26.00
N ARG A 344 2.07 11.21 25.19
CA ARG A 344 0.91 11.91 24.55
C ARG A 344 0.09 10.92 23.72
N ILE A 345 0.72 10.26 22.75
CA ILE A 345 0.09 9.30 21.81
C ILE A 345 -0.71 8.30 22.65
N ALA A 346 -0.08 7.71 23.65
CA ALA A 346 -0.67 6.64 24.50
C ALA A 346 -1.73 7.23 25.44
N SER A 347 -1.48 8.40 26.03
CA SER A 347 -2.41 9.05 26.99
C SER A 347 -3.77 9.27 26.33
N LEU A 348 -3.77 9.90 25.16
CA LEU A 348 -5.00 10.17 24.35
C LEU A 348 -5.62 8.86 23.88
N LYS A 349 -4.81 7.87 23.47
CA LYS A 349 -5.28 6.54 23.01
C LYS A 349 -6.31 6.01 24.02
N ASN A 350 -6.02 6.19 25.32
CA ASN A 350 -6.91 5.78 26.45
C ASN A 350 -8.06 6.77 26.60
N SER A 351 -7.78 8.07 26.73
CA SER A 351 -8.74 9.11 27.13
C SER A 351 -9.85 9.29 26.08
N ARG A 352 -9.60 8.83 24.84
CA ARG A 352 -10.49 8.99 23.67
C ARG A 352 -11.18 7.67 23.29
N SER A 353 -10.87 6.57 23.99
CA SER A 353 -11.42 5.24 23.67
C SER A 353 -12.89 5.12 24.13
N THR A 354 -13.51 6.21 24.60
CA THR A 354 -14.98 6.34 24.76
C THR A 354 -15.64 6.35 23.38
N TYR A 355 -16.82 5.74 23.27
CA TYR A 355 -17.60 5.64 22.01
C TYR A 355 -18.41 6.92 21.78
N LEU A 356 -18.41 7.37 20.53
CA LEU A 356 -19.29 8.42 19.96
C LEU A 356 -19.67 7.93 18.56
N ARG A 357 -20.89 8.13 18.11
CA ARG A 357 -21.18 7.83 16.69
C ARG A 357 -20.88 9.09 15.86
N ASN A 358 -20.88 10.28 16.49
CA ASN A 358 -20.68 11.61 15.83
C ASN A 358 -19.30 12.16 16.23
N GLY A 359 -18.27 11.32 16.20
CA GLY A 359 -16.89 11.68 16.58
C GLY A 359 -16.31 12.76 15.68
N HIS A 360 -15.40 13.60 16.21
CA HIS A 360 -14.81 14.80 15.55
C HIS A 360 -13.30 14.62 15.31
N ASP A 361 -12.83 14.90 14.10
CA ASP A 361 -11.39 14.92 13.73
C ASP A 361 -11.14 16.07 12.74
N ILE A 362 -9.86 16.32 12.40
CA ILE A 362 -9.39 17.45 11.55
C ILE A 362 -10.12 17.39 10.18
N ILE A 363 -10.49 16.19 9.74
CA ILE A 363 -11.22 15.90 8.46
C ILE A 363 -12.69 16.38 8.55
N SER A 364 -13.29 16.39 9.74
CA SER A 364 -14.67 16.89 9.96
C SER A 364 -14.66 18.42 10.20
N ARG A 365 -13.57 19.09 9.80
CA ARG A 365 -13.27 20.54 10.04
C ARG A 365 -14.56 21.32 10.25
N LEU B 3 13.59 -8.30 -3.64
CA LEU B 3 12.94 -8.22 -5.00
C LEU B 3 13.02 -6.77 -5.51
N GLU B 4 13.06 -6.60 -6.85
CA GLU B 4 12.89 -5.31 -7.58
C GLU B 4 11.41 -5.13 -7.96
N ILE B 5 10.59 -4.70 -6.99
CA ILE B 5 9.10 -4.65 -7.07
C ILE B 5 8.68 -3.73 -8.24
N PHE B 6 8.97 -2.43 -8.14
CA PHE B 6 8.48 -1.37 -9.05
C PHE B 6 8.70 -1.77 -10.51
N GLU B 7 9.78 -2.48 -10.82
CA GLU B 7 10.12 -2.90 -12.21
C GLU B 7 9.03 -3.88 -12.68
N TYR B 8 8.69 -4.84 -11.83
CA TYR B 8 7.62 -5.85 -12.06
C TYR B 8 6.28 -5.15 -12.25
N LEU B 9 6.00 -4.13 -11.41
CA LEU B 9 4.75 -3.32 -11.44
C LEU B 9 4.65 -2.58 -12.77
N GLU B 10 5.71 -1.88 -13.17
CA GLU B 10 5.73 -1.09 -14.42
C GLU B 10 5.66 -2.03 -15.62
N LYS B 11 6.12 -3.28 -15.49
CA LYS B 11 6.11 -4.26 -16.59
C LYS B 11 4.65 -4.52 -17.01
N TYR B 12 3.80 -4.98 -16.09
CA TYR B 12 2.39 -5.34 -16.39
C TYR B 12 1.44 -4.25 -15.91
N ASP B 13 1.96 -3.03 -15.69
CA ASP B 13 1.20 -1.83 -15.23
C ASP B 13 0.20 -2.24 -14.15
N TYR B 14 0.71 -2.83 -13.06
CA TYR B 14 0.02 -2.94 -11.75
C TYR B 14 -0.24 -1.51 -11.22
N GLU B 15 -1.20 -1.35 -10.31
CA GLU B 15 -1.63 -0.03 -9.78
C GLU B 15 -0.99 0.20 -8.41
N GLN B 16 -1.14 -0.76 -7.49
CA GLN B 16 -0.71 -0.63 -6.07
C GLN B 16 -0.31 -2.00 -5.53
N VAL B 17 0.65 -2.04 -4.61
CA VAL B 17 0.87 -3.19 -3.67
C VAL B 17 0.83 -2.64 -2.24
N VAL B 18 -0.16 -3.06 -1.44
CA VAL B 18 -0.47 -2.44 -0.12
C VAL B 18 -0.05 -3.43 0.97
N PHE B 19 1.08 -3.16 1.63
CA PHE B 19 1.58 -3.93 2.79
C PHE B 19 0.82 -3.45 4.04
N CYS B 20 0.22 -4.39 4.78
CA CYS B 20 -0.58 -4.13 6.00
C CYS B 20 -0.05 -4.94 7.17
N GLN B 21 0.13 -4.31 8.34
CA GLN B 21 0.70 -4.94 9.56
C GLN B 21 0.03 -4.38 10.81
N ASP B 22 -0.63 -5.26 11.60
CA ASP B 22 -1.06 -4.96 12.99
C ASP B 22 -0.31 -5.90 13.93
N LYS B 23 0.45 -5.35 14.88
CA LYS B 23 1.37 -6.11 15.76
C LYS B 23 0.57 -6.93 16.78
N GLU B 24 -0.47 -6.36 17.38
CA GLU B 24 -1.24 -7.02 18.48
C GLU B 24 -1.79 -8.35 17.95
N SER B 25 -2.25 -8.35 16.69
CA SER B 25 -2.76 -9.56 15.98
C SER B 25 -1.61 -10.32 15.32
N GLY B 26 -0.54 -9.62 14.92
CA GLY B 26 0.59 -10.18 14.17
C GLY B 26 0.33 -10.26 12.67
N LEU B 27 -0.79 -9.70 12.21
CA LEU B 27 -1.20 -9.67 10.78
C LEU B 27 -0.03 -9.19 9.92
N LYS B 28 0.29 -9.95 8.87
CA LYS B 28 1.19 -9.53 7.77
C LYS B 28 0.48 -9.85 6.44
N ALA B 29 -0.13 -8.85 5.81
CA ALA B 29 -0.99 -9.02 4.60
C ALA B 29 -0.50 -8.13 3.46
N ILE B 30 -0.55 -8.68 2.24
CA ILE B 30 -0.19 -7.97 0.99
C ILE B 30 -1.43 -7.95 0.11
N ILE B 31 -2.07 -6.79 0.00
CA ILE B 31 -3.16 -6.53 -0.99
C ILE B 31 -2.46 -6.03 -2.26
N ALA B 32 -2.38 -6.89 -3.27
CA ALA B 32 -1.92 -6.54 -4.63
C ALA B 32 -3.15 -6.16 -5.47
N ILE B 33 -3.10 -5.00 -6.14
CA ILE B 33 -4.16 -4.50 -7.05
C ILE B 33 -3.51 -4.26 -8.42
N HIS B 34 -3.85 -5.09 -9.42
CA HIS B 34 -3.26 -5.04 -10.80
C HIS B 34 -3.97 -4.00 -11.65
N ASP B 35 -5.30 -4.05 -11.69
CA ASP B 35 -6.09 -3.15 -12.56
C ASP B 35 -7.43 -2.87 -11.88
N THR B 36 -7.92 -1.63 -11.97
CA THR B 36 -9.28 -1.21 -11.52
C THR B 36 -9.96 -0.45 -12.65
N THR B 37 -9.68 -0.80 -13.91
CA THR B 37 -10.25 -0.10 -15.09
C THR B 37 -11.76 -0.33 -15.10
N LEU B 38 -12.19 -1.58 -15.01
CA LEU B 38 -13.63 -1.97 -15.09
C LEU B 38 -14.36 -1.63 -13.79
N GLY B 39 -13.63 -1.32 -12.72
CA GLY B 39 -14.17 -0.92 -11.41
C GLY B 39 -13.42 -1.55 -10.24
N PRO B 40 -14.05 -1.69 -9.06
CA PRO B 40 -13.37 -2.22 -7.89
C PRO B 40 -12.67 -3.55 -8.20
N ALA B 41 -11.41 -3.70 -7.78
CA ALA B 41 -10.66 -4.97 -7.85
C ALA B 41 -11.29 -5.96 -6.86
N LEU B 42 -11.76 -7.10 -7.36
CA LEU B 42 -12.29 -8.23 -6.55
C LEU B 42 -11.24 -9.34 -6.51
N GLY B 43 -10.95 -9.87 -5.32
CA GLY B 43 -9.95 -10.93 -5.12
C GLY B 43 -9.95 -11.42 -3.69
N GLY B 44 -9.78 -12.73 -3.49
CA GLY B 44 -9.93 -13.39 -2.18
C GLY B 44 -8.74 -13.12 -1.28
N THR B 45 -8.85 -13.44 0.01
CA THR B 45 -7.72 -13.45 0.96
C THR B 45 -7.22 -14.88 1.07
N ARG B 46 -6.03 -15.13 0.52
CA ARG B 46 -5.25 -16.37 0.75
C ARG B 46 -4.48 -16.22 2.07
N MET B 47 -4.49 -17.25 2.92
CA MET B 47 -3.62 -17.32 4.13
C MET B 47 -2.82 -18.61 4.08
N TRP B 48 -1.53 -18.50 3.75
CA TRP B 48 -0.60 -19.66 3.69
C TRP B 48 0.74 -19.28 4.35
N THR B 49 1.45 -20.31 4.80
CA THR B 49 2.84 -20.26 5.31
C THR B 49 3.76 -20.21 4.08
N TYR B 50 4.67 -19.23 3.99
CA TYR B 50 5.51 -18.97 2.78
C TYR B 50 7.00 -19.16 3.10
N ASP B 51 7.69 -19.84 2.17
CA ASP B 51 9.16 -19.99 2.09
C ASP B 51 9.85 -18.73 2.62
N SER B 52 9.51 -17.58 2.04
CA SER B 52 10.15 -16.27 2.28
C SER B 52 9.18 -15.15 1.86
N GLU B 53 9.39 -13.97 2.43
CA GLU B 53 8.58 -12.75 2.16
C GLU B 53 8.54 -12.47 0.65
N GLU B 54 9.66 -12.69 -0.04
CA GLU B 54 9.85 -12.47 -1.49
C GLU B 54 8.81 -13.29 -2.26
N ALA B 55 8.60 -14.54 -1.84
CA ALA B 55 7.67 -15.50 -2.47
C ALA B 55 6.21 -15.09 -2.22
N ALA B 56 5.92 -14.52 -1.05
CA ALA B 56 4.57 -14.02 -0.64
C ALA B 56 4.17 -12.87 -1.55
N ILE B 57 5.07 -11.90 -1.73
CA ILE B 57 4.87 -10.72 -2.63
C ILE B 57 4.64 -11.23 -4.06
N GLU B 58 5.49 -12.15 -4.51
CA GLU B 58 5.43 -12.76 -5.87
C GLU B 58 4.03 -13.35 -6.06
N ASP B 59 3.61 -14.21 -5.15
CA ASP B 59 2.29 -14.90 -5.20
C ASP B 59 1.20 -13.83 -5.36
N ALA B 60 1.10 -12.92 -4.40
CA ALA B 60 0.13 -11.80 -4.39
C ALA B 60 -0.04 -11.23 -5.80
N LEU B 61 1.05 -10.74 -6.39
CA LEU B 61 1.06 -10.06 -7.70
C LEU B 61 0.55 -11.00 -8.78
N ARG B 62 1.17 -12.17 -8.89
CA ARG B 62 0.78 -13.29 -9.79
C ARG B 62 -0.75 -13.40 -9.80
N LEU B 63 -1.34 -13.72 -8.64
CA LEU B 63 -2.77 -14.10 -8.46
C LEU B 63 -3.69 -12.93 -8.82
N ALA B 64 -3.32 -11.71 -8.43
CA ALA B 64 -4.09 -10.46 -8.68
C ALA B 64 -4.20 -10.26 -10.19
N LYS B 65 -3.05 -10.14 -10.87
CA LYS B 65 -2.95 -10.06 -12.35
C LYS B 65 -3.81 -11.16 -12.98
N GLY B 66 -3.85 -12.34 -12.34
CA GLY B 66 -4.79 -13.42 -12.67
C GLY B 66 -6.22 -12.92 -12.67
N MET B 67 -6.73 -12.53 -11.50
CA MET B 67 -8.14 -12.13 -11.26
C MET B 67 -8.57 -11.12 -12.34
N THR B 68 -7.73 -10.11 -12.63
CA THR B 68 -7.98 -9.04 -13.63
C THR B 68 -8.63 -9.67 -14.88
N TYR B 69 -8.07 -10.81 -15.33
CA TYR B 69 -8.43 -11.56 -16.57
C TYR B 69 -9.67 -12.43 -16.36
N LYS B 70 -9.70 -13.19 -15.26
CA LYS B 70 -10.89 -13.99 -14.86
C LYS B 70 -12.12 -13.10 -14.87
N ASN B 71 -12.07 -12.02 -14.08
CA ASN B 71 -13.18 -11.07 -13.86
C ASN B 71 -13.59 -10.46 -15.19
N ALA B 72 -12.61 -10.04 -16.00
CA ALA B 72 -12.84 -9.43 -17.33
C ALA B 72 -13.62 -10.41 -18.22
N ALA B 73 -13.10 -11.63 -18.40
CA ALA B 73 -13.62 -12.65 -19.33
C ALA B 73 -15.00 -13.16 -18.88
N ALA B 74 -15.20 -13.26 -17.56
CA ALA B 74 -16.46 -13.68 -16.90
C ALA B 74 -17.53 -12.58 -17.04
N GLY B 75 -17.14 -11.45 -17.62
CA GLY B 75 -18.06 -10.33 -17.94
C GLY B 75 -18.51 -9.62 -16.67
N LEU B 76 -17.64 -9.55 -15.66
CA LEU B 76 -17.88 -8.80 -14.40
C LEU B 76 -17.40 -7.38 -14.60
N ASN B 77 -17.89 -6.45 -13.78
CA ASN B 77 -17.41 -5.05 -13.79
C ASN B 77 -16.47 -4.84 -12.61
N LEU B 78 -15.33 -5.53 -12.65
CA LEU B 78 -14.39 -5.64 -11.52
C LEU B 78 -12.97 -5.80 -12.04
N GLY B 79 -12.01 -5.19 -11.36
CA GLY B 79 -10.58 -5.32 -11.68
C GLY B 79 -9.98 -6.50 -10.94
N GLY B 80 -8.65 -6.60 -10.97
CA GLY B 80 -7.87 -7.71 -10.40
C GLY B 80 -7.15 -7.33 -9.13
N ALA B 81 -7.34 -8.11 -8.08
CA ALA B 81 -6.58 -8.01 -6.82
C ALA B 81 -6.57 -9.37 -6.12
N LYS B 82 -5.71 -9.52 -5.12
CA LYS B 82 -5.64 -10.70 -4.25
C LYS B 82 -4.89 -10.27 -2.99
N THR B 83 -5.37 -10.71 -1.82
CA THR B 83 -4.69 -10.47 -0.53
C THR B 83 -4.02 -11.79 -0.11
N VAL B 84 -2.73 -11.71 0.21
CA VAL B 84 -1.97 -12.84 0.82
C VAL B 84 -1.63 -12.45 2.27
N ILE B 85 -2.23 -13.13 3.25
CA ILE B 85 -1.76 -13.12 4.67
C ILE B 85 -0.64 -14.16 4.76
N ILE B 86 0.48 -13.82 5.39
CA ILE B 86 1.58 -14.77 5.75
C ILE B 86 1.25 -15.35 7.12
N GLY B 87 0.97 -16.66 7.20
CA GLY B 87 0.69 -17.37 8.46
C GLY B 87 0.17 -18.79 8.25
N ASP B 88 0.12 -19.57 9.34
CA ASP B 88 -0.43 -20.95 9.39
C ASP B 88 -1.89 -20.87 9.80
N PRO B 89 -2.85 -20.92 8.83
CA PRO B 89 -4.28 -20.83 9.15
C PRO B 89 -4.72 -21.69 10.33
N ARG B 90 -4.08 -22.85 10.52
CA ARG B 90 -4.38 -23.80 11.62
C ARG B 90 -4.06 -23.17 12.98
N LYS B 91 -3.20 -22.16 13.05
CA LYS B 91 -2.58 -21.70 14.33
C LYS B 91 -2.71 -20.18 14.54
N ASP B 92 -2.40 -19.36 13.54
CA ASP B 92 -2.05 -17.93 13.71
C ASP B 92 -3.27 -16.99 13.59
N LYS B 93 -4.47 -17.51 13.32
CA LYS B 93 -5.68 -16.66 13.11
C LYS B 93 -6.14 -16.07 14.45
N SER B 94 -6.79 -14.91 14.43
CA SER B 94 -7.48 -14.27 15.59
C SER B 94 -8.60 -13.37 15.08
N GLU B 95 -9.52 -12.96 15.96
CA GLU B 95 -10.55 -11.94 15.63
C GLU B 95 -9.81 -10.66 15.21
N ALA B 96 -8.95 -10.19 16.10
CA ALA B 96 -8.07 -9.01 15.93
C ALA B 96 -7.47 -9.02 14.52
N MET B 97 -6.90 -10.14 14.10
CA MET B 97 -6.26 -10.26 12.76
C MET B 97 -7.23 -9.77 11.68
N PHE B 98 -8.46 -10.28 11.68
CA PHE B 98 -9.43 -10.02 10.59
C PHE B 98 -10.09 -8.66 10.81
N ARG B 99 -10.27 -8.26 12.07
CA ARG B 99 -10.78 -6.91 12.43
C ARG B 99 -9.81 -5.86 11.90
N ALA B 100 -8.50 -6.09 12.06
CA ALA B 100 -7.41 -5.19 11.59
C ALA B 100 -7.47 -5.07 10.06
N LEU B 101 -7.39 -6.21 9.36
CA LEU B 101 -7.39 -6.28 7.87
C LEU B 101 -8.63 -5.58 7.32
N GLY B 102 -9.80 -5.88 7.89
CA GLY B 102 -11.06 -5.20 7.56
C GLY B 102 -10.89 -3.69 7.50
N ARG B 103 -10.30 -3.12 8.55
CA ARG B 103 -10.09 -1.65 8.65
C ARG B 103 -9.21 -1.21 7.48
N TYR B 104 -8.07 -1.88 7.26
CA TYR B 104 -7.13 -1.57 6.15
C TYR B 104 -7.87 -1.62 4.80
N ILE B 105 -8.85 -2.51 4.67
CA ILE B 105 -9.66 -2.71 3.42
C ILE B 105 -10.64 -1.53 3.24
N GLN B 106 -11.20 -1.02 4.33
CA GLN B 106 -12.04 0.20 4.36
C GLN B 106 -11.12 1.43 4.16
N GLY B 107 -9.85 1.26 4.55
CA GLY B 107 -8.78 2.24 4.31
C GLY B 107 -8.47 2.40 2.83
N LEU B 108 -9.06 1.54 1.99
CA LEU B 108 -8.90 1.58 0.51
C LEU B 108 -10.21 2.02 -0.15
N ASN B 109 -11.31 2.10 0.62
CA ASN B 109 -12.60 2.74 0.23
C ASN B 109 -13.02 2.31 -1.18
N GLY B 110 -13.12 0.99 -1.40
CA GLY B 110 -13.84 0.40 -2.54
C GLY B 110 -12.94 0.11 -3.73
N ARG B 111 -11.64 0.41 -3.60
CA ARG B 111 -10.65 0.04 -4.66
C ARG B 111 -10.49 -1.48 -4.59
N TYR B 112 -10.47 -2.06 -3.39
CA TYR B 112 -10.36 -3.53 -3.18
C TYR B 112 -11.61 -4.05 -2.48
N ILE B 113 -12.13 -5.18 -2.98
CA ILE B 113 -13.19 -6.03 -2.38
C ILE B 113 -12.63 -7.45 -2.21
N THR B 114 -12.72 -8.01 -0.98
CA THR B 114 -12.13 -9.33 -0.63
C THR B 114 -13.24 -10.39 -0.54
N ALA B 115 -12.82 -11.65 -0.41
CA ALA B 115 -13.67 -12.84 -0.15
C ALA B 115 -12.76 -13.99 0.27
N GLU B 116 -13.31 -15.18 0.54
CA GLU B 116 -12.52 -16.34 1.02
C GLU B 116 -11.65 -16.84 -0.14
N ASP B 117 -10.53 -17.48 0.24
CA ASP B 117 -9.59 -18.24 -0.63
C ASP B 117 -8.95 -19.31 0.24
N VAL B 118 -7.89 -19.95 -0.24
CA VAL B 118 -7.06 -20.95 0.52
C VAL B 118 -6.71 -20.36 1.89
N GLY B 119 -7.25 -20.97 2.96
CA GLY B 119 -6.83 -20.72 4.36
C GLY B 119 -7.67 -19.67 5.07
N THR B 120 -8.81 -19.28 4.49
CA THR B 120 -9.76 -18.33 5.11
C THR B 120 -11.17 -18.94 5.08
N THR B 121 -11.80 -19.03 6.26
CA THR B 121 -13.18 -19.53 6.49
C THR B 121 -14.16 -18.44 6.02
N VAL B 122 -15.46 -18.67 6.14
CA VAL B 122 -16.48 -17.58 6.04
C VAL B 122 -16.40 -16.77 7.34
N ASP B 123 -16.49 -17.45 8.48
CA ASP B 123 -16.37 -16.84 9.84
C ASP B 123 -15.29 -15.76 9.78
N ASP B 124 -14.22 -15.99 9.01
CA ASP B 124 -13.13 -15.01 8.71
C ASP B 124 -13.72 -13.76 8.05
N MET B 125 -14.29 -13.90 6.87
CA MET B 125 -14.96 -12.80 6.12
C MET B 125 -15.98 -12.11 7.03
N ASP B 126 -16.70 -12.88 7.86
CA ASP B 126 -17.77 -12.38 8.77
C ASP B 126 -17.19 -11.38 9.77
N ILE B 127 -15.96 -11.60 10.23
CA ILE B 127 -15.22 -10.68 11.13
C ILE B 127 -14.77 -9.45 10.34
N ILE B 128 -14.24 -9.66 9.12
CA ILE B 128 -13.86 -8.57 8.17
C ILE B 128 -15.09 -7.71 7.89
N HIS B 129 -16.26 -8.33 7.71
CA HIS B 129 -17.54 -7.65 7.40
C HIS B 129 -17.89 -6.65 8.52
N GLU B 130 -17.39 -6.86 9.73
CA GLU B 130 -17.64 -5.97 10.89
C GLU B 130 -17.04 -4.58 10.62
N GLU B 131 -16.00 -4.48 9.78
CA GLU B 131 -15.18 -3.24 9.62
C GLU B 131 -15.46 -2.52 8.28
N THR B 132 -16.20 -3.16 7.37
CA THR B 132 -16.26 -2.78 5.93
C THR B 132 -17.33 -3.63 5.24
N ASP B 133 -17.83 -3.16 4.09
CA ASP B 133 -18.76 -3.93 3.23
C ASP B 133 -18.06 -4.35 1.94
N PHE B 134 -16.78 -4.02 1.78
CA PHE B 134 -15.98 -4.36 0.58
C PHE B 134 -15.43 -5.77 0.75
N VAL B 135 -16.36 -6.72 0.76
CA VAL B 135 -16.17 -8.15 1.18
C VAL B 135 -17.43 -8.90 0.74
N THR B 136 -17.28 -10.13 0.26
CA THR B 136 -18.40 -10.90 -0.30
C THR B 136 -18.19 -12.38 0.00
N GLY B 137 -19.26 -13.18 -0.17
CA GLY B 137 -19.32 -14.58 0.28
C GLY B 137 -19.47 -14.65 1.78
N ILE B 138 -20.54 -14.06 2.33
CA ILE B 138 -20.89 -14.12 3.78
C ILE B 138 -22.28 -14.74 3.96
N SER B 139 -23.27 -14.37 3.13
CA SER B 139 -24.69 -14.84 3.18
C SER B 139 -25.09 -15.43 1.83
N PRO B 140 -25.75 -16.62 1.82
CA PRO B 140 -26.08 -17.30 0.56
C PRO B 140 -26.64 -16.38 -0.54
N PRO B 148 -19.36 -22.12 -1.97
CA PRO B 148 -19.52 -21.71 -3.38
C PRO B 148 -19.12 -22.77 -4.42
N SER B 149 -18.77 -23.98 -3.96
CA SER B 149 -18.13 -25.07 -4.76
C SER B 149 -19.09 -25.61 -5.83
N PRO B 150 -20.37 -25.92 -5.49
CA PRO B 150 -21.28 -26.54 -6.45
C PRO B 150 -21.55 -25.65 -7.69
N VAL B 151 -21.42 -24.34 -7.51
CA VAL B 151 -21.67 -23.30 -8.56
C VAL B 151 -20.52 -23.35 -9.55
N THR B 152 -19.29 -23.28 -9.04
CA THR B 152 -18.02 -23.47 -9.81
C THR B 152 -18.18 -24.69 -10.71
N ALA B 153 -18.66 -25.79 -10.10
CA ALA B 153 -18.85 -27.15 -10.68
C ALA B 153 -19.88 -27.11 -11.80
N TYR B 154 -21.06 -26.54 -11.51
CA TYR B 154 -22.11 -26.24 -12.52
C TYR B 154 -21.52 -25.36 -13.63
N GLY B 155 -20.63 -24.44 -13.25
CA GLY B 155 -19.85 -23.60 -14.18
C GLY B 155 -19.11 -24.44 -15.21
N VAL B 156 -18.47 -25.53 -14.76
CA VAL B 156 -17.69 -26.45 -15.64
C VAL B 156 -18.67 -27.25 -16.52
N TYR B 157 -19.68 -27.85 -15.89
CA TYR B 157 -20.76 -28.63 -16.56
C TYR B 157 -21.14 -27.94 -17.88
N ARG B 158 -21.33 -26.62 -17.83
CA ARG B 158 -21.72 -25.79 -19.01
C ARG B 158 -20.50 -25.60 -19.92
N GLY B 159 -19.36 -25.22 -19.34
CA GLY B 159 -18.10 -25.02 -20.07
C GLY B 159 -17.73 -26.24 -20.89
N MET B 160 -17.94 -27.45 -20.33
CA MET B 160 -17.59 -28.75 -20.97
C MET B 160 -18.37 -28.93 -22.28
N LYS B 161 -19.65 -28.59 -22.25
CA LYS B 161 -20.59 -28.79 -23.39
C LYS B 161 -20.07 -28.02 -24.60
N ALA B 162 -19.82 -26.71 -24.46
CA ALA B 162 -19.35 -25.83 -25.55
C ALA B 162 -18.02 -26.35 -26.11
N ALA B 163 -17.16 -26.88 -25.24
CA ALA B 163 -15.86 -27.51 -25.61
C ALA B 163 -16.13 -28.77 -26.42
N ALA B 164 -17.05 -29.63 -25.95
CA ALA B 164 -17.48 -30.87 -26.64
C ALA B 164 -17.96 -30.54 -28.06
N LYS B 165 -18.78 -29.50 -28.21
CA LYS B 165 -19.42 -29.15 -29.51
C LYS B 165 -18.36 -28.84 -30.58
N GLU B 166 -17.16 -28.37 -30.23
CA GLU B 166 -16.14 -28.07 -31.26
C GLU B 166 -15.49 -29.37 -31.75
N ALA B 167 -14.89 -30.13 -30.83
CA ALA B 167 -14.09 -31.34 -31.13
C ALA B 167 -15.00 -32.52 -31.45
N VAL B 168 -16.25 -32.50 -30.97
CA VAL B 168 -17.23 -33.61 -31.11
C VAL B 168 -18.27 -33.29 -32.20
N GLY B 169 -18.59 -32.00 -32.46
CA GLY B 169 -19.58 -31.58 -33.48
C GLY B 169 -20.93 -31.20 -32.87
N THR B 170 -21.32 -31.83 -31.75
CA THR B 170 -22.58 -31.63 -31.00
C THR B 170 -22.30 -31.37 -29.51
N ASP B 171 -23.07 -30.47 -28.89
CA ASP B 171 -22.94 -30.09 -27.45
C ASP B 171 -23.63 -31.16 -26.58
N ASN B 172 -24.15 -32.23 -27.18
CA ASN B 172 -24.57 -33.45 -26.43
C ASN B 172 -23.31 -34.19 -25.98
N LEU B 173 -23.40 -34.84 -24.81
CA LEU B 173 -22.30 -35.59 -24.15
C LEU B 173 -22.60 -37.10 -24.13
N GLU B 174 -23.73 -37.52 -24.71
CA GLU B 174 -24.05 -38.97 -24.87
C GLU B 174 -22.96 -39.63 -25.72
N GLY B 175 -22.42 -40.76 -25.26
CA GLY B 175 -21.39 -41.54 -25.98
C GLY B 175 -19.98 -41.06 -25.67
N LYS B 176 -19.84 -39.85 -25.12
CA LYS B 176 -18.51 -39.25 -24.76
C LYS B 176 -18.03 -39.91 -23.46
N VAL B 177 -16.74 -40.21 -23.37
CA VAL B 177 -16.05 -40.68 -22.13
C VAL B 177 -15.39 -39.45 -21.47
N ILE B 178 -15.53 -39.30 -20.16
CA ILE B 178 -14.97 -38.17 -19.35
C ILE B 178 -14.06 -38.75 -18.25
N ALA B 179 -12.77 -38.41 -18.27
CA ALA B 179 -11.80 -38.72 -17.21
C ALA B 179 -11.82 -37.59 -16.16
N VAL B 180 -12.44 -37.83 -14.99
CA VAL B 180 -12.63 -36.80 -13.92
C VAL B 180 -11.55 -36.95 -12.85
N GLN B 181 -10.43 -36.22 -12.98
CA GLN B 181 -9.26 -36.25 -12.06
C GLN B 181 -9.62 -35.50 -10.77
N GLY B 182 -9.78 -36.24 -9.68
CA GLY B 182 -10.22 -35.70 -8.38
C GLY B 182 -11.71 -35.87 -8.19
N VAL B 183 -12.12 -36.29 -7.01
CA VAL B 183 -13.51 -36.19 -6.48
C VAL B 183 -13.46 -35.26 -5.27
N GLY B 184 -13.01 -34.03 -5.49
CA GLY B 184 -13.05 -32.93 -4.50
C GLY B 184 -14.45 -32.39 -4.34
N ASN B 185 -14.60 -31.34 -3.53
CA ASN B 185 -15.90 -30.65 -3.26
C ASN B 185 -16.59 -30.31 -4.60
N VAL B 186 -15.82 -29.79 -5.56
CA VAL B 186 -16.32 -29.35 -6.90
C VAL B 186 -16.60 -30.60 -7.74
N ALA B 187 -15.57 -31.41 -7.97
CA ALA B 187 -15.58 -32.59 -8.87
C ALA B 187 -16.80 -33.48 -8.59
N TYR B 188 -17.06 -33.79 -7.31
CA TYR B 188 -18.23 -34.58 -6.84
C TYR B 188 -19.52 -34.05 -7.48
N HIS B 189 -19.82 -32.77 -7.20
CA HIS B 189 -21.05 -32.06 -7.67
C HIS B 189 -21.07 -32.02 -9.20
N LEU B 190 -19.90 -31.92 -9.84
CA LEU B 190 -19.80 -31.96 -11.33
C LEU B 190 -20.34 -33.31 -11.82
N CYS B 191 -19.83 -34.42 -11.28
CA CYS B 191 -20.14 -35.80 -11.76
C CYS B 191 -21.67 -36.01 -11.83
N LYS B 192 -22.37 -35.69 -10.73
CA LYS B 192 -23.85 -35.77 -10.63
C LYS B 192 -24.47 -35.27 -11.94
N HIS B 193 -24.15 -34.01 -12.26
CA HIS B 193 -24.66 -33.27 -13.44
C HIS B 193 -24.26 -34.01 -14.73
N LEU B 194 -22.99 -34.43 -14.85
CA LEU B 194 -22.44 -35.05 -16.09
C LEU B 194 -23.18 -36.34 -16.48
N HIS B 195 -23.11 -37.39 -15.66
CA HIS B 195 -23.54 -38.78 -16.02
C HIS B 195 -25.07 -38.85 -16.14
N ALA B 196 -25.79 -37.91 -15.52
CA ALA B 196 -27.25 -37.70 -15.70
C ALA B 196 -27.53 -37.01 -17.04
N GLU B 197 -26.56 -37.00 -17.97
CA GLU B 197 -26.77 -36.71 -19.42
C GLU B 197 -26.26 -37.90 -20.26
N GLY B 198 -26.07 -39.07 -19.64
CA GLY B 198 -25.72 -40.33 -20.31
C GLY B 198 -24.35 -40.29 -21.00
N ALA B 199 -23.37 -39.61 -20.41
CA ALA B 199 -21.93 -39.72 -20.76
C ALA B 199 -21.28 -40.76 -19.83
N LYS B 200 -20.04 -41.18 -20.10
CA LYS B 200 -19.33 -42.24 -19.33
C LYS B 200 -18.21 -41.63 -18.49
N LEU B 201 -18.22 -41.84 -17.17
CA LEU B 201 -17.31 -41.21 -16.18
C LEU B 201 -16.22 -42.21 -15.73
N ILE B 202 -14.96 -41.79 -15.78
CA ILE B 202 -13.79 -42.55 -15.24
C ILE B 202 -13.12 -41.64 -14.19
N VAL B 203 -13.16 -42.04 -12.90
CA VAL B 203 -12.77 -41.19 -11.74
C VAL B 203 -11.47 -41.73 -11.11
N THR B 204 -10.75 -40.86 -10.37
CA THR B 204 -9.49 -41.17 -9.65
C THR B 204 -9.34 -40.14 -8.51
N ASP B 205 -8.58 -40.47 -7.46
CA ASP B 205 -8.36 -39.59 -6.27
C ASP B 205 -7.37 -40.26 -5.30
N ILE B 206 -6.68 -39.45 -4.48
CA ILE B 206 -5.71 -39.91 -3.43
C ILE B 206 -6.48 -40.35 -2.18
N ASN B 207 -7.69 -39.82 -1.97
CA ASN B 207 -8.68 -40.40 -1.03
C ASN B 207 -9.52 -41.42 -1.80
N LYS B 208 -9.27 -42.72 -1.58
CA LYS B 208 -9.86 -43.84 -2.38
C LYS B 208 -11.33 -44.04 -1.96
N GLU B 209 -11.69 -43.70 -0.72
CA GLU B 209 -13.10 -43.82 -0.22
C GLU B 209 -13.99 -42.81 -0.96
N ALA B 210 -13.46 -41.60 -1.20
CA ALA B 210 -14.13 -40.51 -1.95
C ALA B 210 -14.44 -40.99 -3.37
N VAL B 211 -13.48 -41.72 -3.98
CA VAL B 211 -13.59 -42.36 -5.33
C VAL B 211 -14.77 -43.33 -5.32
N GLN B 212 -14.85 -44.19 -4.29
CA GLN B 212 -15.82 -45.31 -4.19
C GLN B 212 -17.24 -44.74 -4.23
N ARG B 213 -17.47 -43.62 -3.53
CA ARG B 213 -18.76 -42.89 -3.55
C ARG B 213 -19.14 -42.55 -5.00
N ALA B 214 -18.17 -42.10 -5.80
CA ALA B 214 -18.35 -41.65 -7.20
C ALA B 214 -18.66 -42.83 -8.14
N VAL B 215 -17.89 -43.92 -8.02
CA VAL B 215 -18.07 -45.17 -8.82
C VAL B 215 -19.47 -45.73 -8.53
N GLU B 216 -19.86 -45.72 -7.25
CA GLU B 216 -21.11 -46.32 -6.73
C GLU B 216 -22.32 -45.47 -7.14
N GLU B 217 -22.19 -44.13 -7.12
CA GLU B 217 -23.36 -43.23 -7.31
C GLU B 217 -23.68 -43.07 -8.81
N PHE B 218 -22.68 -42.83 -9.65
CA PHE B 218 -22.87 -42.50 -11.10
C PHE B 218 -21.99 -43.42 -11.97
N GLY B 219 -21.87 -44.67 -11.53
CA GLY B 219 -21.45 -45.84 -12.33
C GLY B 219 -20.16 -45.61 -13.07
N ALA B 220 -19.16 -45.04 -12.41
CA ALA B 220 -17.83 -44.74 -12.99
C ALA B 220 -16.90 -45.96 -12.84
N SER B 221 -15.84 -46.04 -13.65
CA SER B 221 -14.67 -46.93 -13.41
C SER B 221 -13.65 -46.15 -12.57
N ALA B 222 -12.99 -46.82 -11.62
CA ALA B 222 -11.94 -46.23 -10.74
C ALA B 222 -10.56 -46.60 -11.31
N VAL B 223 -9.61 -45.67 -11.19
CA VAL B 223 -8.25 -45.77 -11.79
C VAL B 223 -7.27 -45.21 -10.78
N GLU B 224 -6.04 -45.71 -10.79
CA GLU B 224 -4.96 -45.22 -9.89
C GLU B 224 -4.63 -43.79 -10.31
N PRO B 225 -4.34 -42.88 -9.35
CA PRO B 225 -4.02 -41.49 -9.67
C PRO B 225 -3.20 -41.30 -10.96
N ASN B 226 -2.07 -42.01 -11.07
CA ASN B 226 -1.06 -41.79 -12.15
C ASN B 226 -1.34 -42.73 -13.33
N GLU B 227 -2.62 -42.92 -13.65
CA GLU B 227 -3.10 -43.64 -14.86
C GLU B 227 -4.08 -42.77 -15.65
N ILE B 228 -4.84 -41.91 -14.96
CA ILE B 228 -6.03 -41.15 -15.47
C ILE B 228 -5.79 -40.46 -16.83
N TYR B 229 -4.54 -40.25 -17.24
CA TYR B 229 -4.18 -39.49 -18.48
C TYR B 229 -4.38 -40.40 -19.71
N GLY B 230 -3.80 -41.61 -19.66
CA GLY B 230 -3.77 -42.59 -20.78
C GLY B 230 -5.01 -43.47 -20.85
N VAL B 231 -5.96 -43.29 -19.92
CA VAL B 231 -7.32 -43.92 -19.96
C VAL B 231 -7.97 -43.57 -21.30
N GLU B 232 -8.57 -44.56 -21.98
CA GLU B 232 -9.39 -44.35 -23.20
C GLU B 232 -10.63 -43.52 -22.83
N CYS B 233 -10.58 -42.23 -23.17
CA CYS B 233 -11.56 -41.19 -22.79
C CYS B 233 -11.52 -40.09 -23.83
N ASP B 234 -12.66 -39.43 -24.05
CA ASP B 234 -12.88 -38.46 -25.16
C ASP B 234 -12.82 -37.03 -24.61
N ILE B 235 -12.89 -36.85 -23.28
CA ILE B 235 -12.80 -35.55 -22.56
C ILE B 235 -12.04 -35.75 -21.24
N TYR B 236 -11.18 -34.80 -20.85
CA TYR B 236 -10.37 -34.81 -19.59
C TYR B 236 -10.77 -33.62 -18.71
N ALA B 237 -11.02 -33.86 -17.41
CA ALA B 237 -11.58 -32.88 -16.45
C ALA B 237 -10.75 -32.81 -15.18
N PRO B 238 -9.63 -32.05 -15.18
CA PRO B 238 -8.80 -31.90 -13.98
C PRO B 238 -9.52 -31.06 -12.91
N CYS B 239 -9.82 -31.66 -11.76
CA CYS B 239 -10.56 -31.03 -10.64
C CYS B 239 -9.85 -31.28 -9.30
N ALA B 240 -8.53 -31.46 -9.35
CA ALA B 240 -7.67 -31.71 -8.16
C ALA B 240 -6.40 -30.85 -8.24
N LEU B 241 -5.56 -31.09 -9.24
CA LEU B 241 -4.20 -30.47 -9.33
C LEU B 241 -4.08 -29.64 -10.60
N GLY B 242 -3.21 -28.62 -10.50
CA GLY B 242 -2.80 -27.76 -11.63
C GLY B 242 -1.51 -28.26 -12.22
N ALA B 243 -1.02 -27.60 -13.27
CA ALA B 243 0.16 -28.00 -14.06
C ALA B 243 0.05 -29.49 -14.43
N THR B 244 -1.17 -29.98 -14.66
CA THR B 244 -1.49 -31.40 -14.97
C THR B 244 -1.39 -31.65 -16.48
N VAL B 245 -0.99 -30.63 -17.24
CA VAL B 245 -0.95 -30.66 -18.74
C VAL B 245 0.46 -30.28 -19.18
N ASN B 246 1.39 -31.22 -18.98
CA ASN B 246 2.86 -31.07 -19.15
C ASN B 246 3.33 -32.05 -20.22
N ASP B 247 4.63 -32.05 -20.57
CA ASP B 247 5.22 -32.87 -21.65
C ASP B 247 4.97 -34.36 -21.37
N GLU B 248 4.81 -34.75 -20.09
CA GLU B 248 4.69 -36.19 -19.72
C GLU B 248 3.23 -36.64 -19.88
N THR B 249 2.23 -35.79 -19.69
CA THR B 249 0.80 -36.19 -19.69
C THR B 249 0.13 -35.97 -21.06
N ILE B 250 0.61 -35.02 -21.88
CA ILE B 250 -0.02 -34.60 -23.16
C ILE B 250 0.02 -35.75 -24.17
N PRO B 251 1.13 -36.50 -24.32
CA PRO B 251 1.16 -37.64 -25.25
C PRO B 251 0.42 -38.87 -24.69
N GLN B 252 0.26 -38.92 -23.36
CA GLN B 252 -0.51 -39.98 -22.65
C GLN B 252 -2.01 -39.80 -22.90
N LEU B 253 -2.42 -38.60 -23.33
CA LEU B 253 -3.83 -38.13 -23.32
C LEU B 253 -4.57 -38.73 -24.52
N LYS B 254 -5.69 -39.42 -24.25
CA LYS B 254 -6.59 -39.98 -25.30
C LYS B 254 -7.60 -38.92 -25.75
N ALA B 255 -8.10 -38.12 -24.79
CA ALA B 255 -9.17 -37.12 -24.96
C ALA B 255 -8.77 -36.05 -25.99
N LYS B 256 -9.78 -35.50 -26.66
CA LYS B 256 -9.68 -34.43 -27.69
C LYS B 256 -10.19 -33.11 -27.11
N VAL B 257 -10.68 -33.14 -25.87
CA VAL B 257 -11.24 -31.98 -25.10
C VAL B 257 -10.70 -32.05 -23.66
N ILE B 258 -10.12 -30.96 -23.17
CA ILE B 258 -9.79 -30.76 -21.73
C ILE B 258 -10.74 -29.69 -21.20
N ALA B 259 -11.34 -29.92 -20.02
CA ALA B 259 -12.24 -28.96 -19.33
C ALA B 259 -12.45 -29.41 -17.89
N GLY B 260 -11.91 -28.64 -16.92
CA GLY B 260 -11.96 -28.96 -15.48
C GLY B 260 -12.04 -27.71 -14.63
N SER B 261 -12.01 -27.87 -13.30
CA SER B 261 -12.12 -26.77 -12.30
C SER B 261 -10.72 -26.24 -11.91
N ALA B 262 -9.68 -27.04 -12.13
CA ALA B 262 -8.29 -26.81 -11.66
C ALA B 262 -7.72 -25.52 -12.26
N ASN B 263 -6.86 -24.83 -11.51
CA ASN B 263 -6.14 -23.60 -11.93
C ASN B 263 -4.76 -23.96 -12.47
N ASN B 264 -4.27 -23.21 -13.46
CA ASN B 264 -2.95 -23.39 -14.10
C ASN B 264 -2.85 -24.82 -14.67
N GLN B 265 -3.90 -25.25 -15.36
CA GLN B 265 -3.97 -26.59 -16.01
C GLN B 265 -2.73 -26.74 -16.89
N LEU B 266 -2.31 -25.69 -17.61
CA LEU B 266 -1.10 -25.69 -18.48
C LEU B 266 0.14 -25.45 -17.63
N LYS B 267 1.16 -26.30 -17.74
CA LYS B 267 2.41 -26.22 -16.94
C LYS B 267 3.28 -25.08 -17.45
N GLU B 268 3.31 -24.88 -18.77
CA GLU B 268 3.95 -23.71 -19.43
C GLU B 268 3.07 -23.28 -20.61
N ASN B 269 3.19 -22.01 -21.00
CA ASN B 269 2.51 -21.40 -22.17
C ASN B 269 2.58 -22.34 -23.37
N ARG B 270 3.78 -22.87 -23.65
CA ARG B 270 4.14 -23.79 -24.79
C ARG B 270 3.12 -24.93 -24.92
N HIS B 271 2.74 -25.55 -23.81
CA HIS B 271 1.88 -26.77 -23.75
C HIS B 271 0.50 -26.46 -24.36
N GLY B 272 0.01 -25.22 -24.23
CA GLY B 272 -1.24 -24.79 -24.89
C GLY B 272 -1.07 -24.76 -26.41
N ASP B 273 0.06 -24.22 -26.88
CA ASP B 273 0.39 -24.04 -28.32
C ASP B 273 0.35 -25.39 -29.04
N ILE B 274 0.90 -26.45 -28.42
CA ILE B 274 1.10 -27.79 -29.06
C ILE B 274 -0.23 -28.55 -29.05
N ILE B 275 -0.94 -28.52 -27.93
CA ILE B 275 -2.30 -29.12 -27.75
C ILE B 275 -3.22 -28.62 -28.86
N HIS B 276 -3.15 -27.33 -29.21
CA HIS B 276 -3.88 -26.69 -30.33
C HIS B 276 -3.62 -27.48 -31.62
N GLU B 277 -2.35 -27.79 -31.89
CA GLU B 277 -1.88 -28.41 -33.16
C GLU B 277 -2.07 -29.92 -33.13
N MET B 278 -2.40 -30.52 -31.98
CA MET B 278 -2.76 -31.97 -31.89
C MET B 278 -4.25 -32.13 -32.19
N GLY B 279 -5.00 -31.03 -32.32
CA GLY B 279 -6.46 -31.03 -32.60
C GLY B 279 -7.27 -31.00 -31.30
N ILE B 280 -6.59 -30.96 -30.16
CA ILE B 280 -7.19 -31.07 -28.81
C ILE B 280 -7.79 -29.70 -28.44
N VAL B 281 -9.04 -29.71 -27.95
CA VAL B 281 -9.82 -28.48 -27.62
C VAL B 281 -9.77 -28.26 -26.10
N TYR B 282 -9.03 -27.24 -25.68
CA TYR B 282 -8.81 -26.86 -24.26
C TYR B 282 -9.74 -25.70 -23.90
N ALA B 283 -10.73 -25.96 -23.05
CA ALA B 283 -11.47 -24.93 -22.28
C ALA B 283 -10.52 -24.33 -21.25
N PRO B 284 -10.09 -23.06 -21.43
CA PRO B 284 -9.08 -22.46 -20.55
C PRO B 284 -9.58 -22.34 -19.09
N ASP B 285 -8.72 -22.74 -18.16
CA ASP B 285 -8.94 -22.76 -16.68
C ASP B 285 -9.84 -21.61 -16.25
N TYR B 286 -9.31 -20.39 -16.30
CA TYR B 286 -9.81 -19.17 -15.62
C TYR B 286 -11.13 -18.68 -16.24
N VAL B 287 -11.55 -19.24 -17.38
CA VAL B 287 -12.87 -18.91 -18.01
C VAL B 287 -13.93 -19.85 -17.40
N ILE B 288 -13.62 -21.14 -17.23
CA ILE B 288 -14.66 -22.21 -17.01
C ILE B 288 -15.49 -21.84 -15.76
N ASN B 289 -13.62 -22.26 -14.16
CA ASN B 289 -13.88 -22.20 -12.71
C ASN B 289 -14.50 -20.85 -12.30
N ALA B 290 -14.70 -19.92 -13.25
CA ALA B 290 -15.20 -18.54 -12.98
C ALA B 290 -16.49 -18.58 -12.15
N GLY B 291 -17.28 -19.65 -12.30
CA GLY B 291 -18.57 -19.88 -11.62
C GLY B 291 -18.59 -19.33 -10.20
N GLY B 292 -17.60 -19.70 -9.39
CA GLY B 292 -17.53 -19.35 -7.95
C GLY B 292 -17.46 -17.84 -7.73
N VAL B 293 -16.52 -17.19 -8.42
CA VAL B 293 -16.37 -15.71 -8.47
C VAL B 293 -17.69 -15.10 -8.97
N ILE B 294 -18.15 -15.50 -10.15
CA ILE B 294 -19.39 -14.97 -10.81
C ILE B 294 -20.54 -14.96 -9.80
N ASN B 295 -20.48 -15.85 -8.79
CA ASN B 295 -21.55 -15.99 -7.77
C ASN B 295 -21.38 -14.91 -6.69
N VAL B 296 -20.22 -14.87 -6.03
CA VAL B 296 -19.91 -13.86 -4.97
C VAL B 296 -19.97 -12.46 -5.59
N ALA B 297 -19.65 -12.36 -6.89
CA ALA B 297 -19.77 -11.13 -7.71
C ALA B 297 -21.24 -10.69 -7.77
N ASP B 298 -22.17 -11.62 -7.98
CA ASP B 298 -23.62 -11.33 -8.03
C ASP B 298 -24.14 -10.99 -6.62
N GLU B 299 -23.45 -11.45 -5.57
CA GLU B 299 -23.80 -11.13 -4.17
C GLU B 299 -23.84 -9.61 -3.97
N LEU B 300 -22.93 -8.88 -4.61
CA LEU B 300 -22.71 -7.42 -4.39
C LEU B 300 -23.84 -6.61 -5.06
N TYR B 301 -24.14 -6.86 -6.34
CA TYR B 301 -25.30 -6.25 -7.05
C TYR B 301 -26.57 -6.50 -6.21
N GLY B 302 -26.54 -7.53 -5.36
CA GLY B 302 -27.66 -7.98 -4.49
C GLY B 302 -28.19 -9.32 -4.97
N TYR B 303 -27.98 -10.38 -4.20
CA TYR B 303 -28.07 -11.79 -4.69
C TYR B 303 -29.44 -12.04 -5.32
N ASN B 304 -29.44 -12.76 -6.44
CA ASN B 304 -30.65 -13.40 -7.05
C ASN B 304 -30.23 -14.79 -7.57
N ARG B 305 -30.67 -15.87 -6.91
CA ARG B 305 -30.29 -17.26 -7.27
C ARG B 305 -30.38 -17.45 -8.79
N GLU B 306 -31.54 -17.17 -9.39
CA GLU B 306 -31.81 -17.36 -10.85
C GLU B 306 -30.74 -16.63 -11.67
N ARG B 307 -30.77 -15.29 -11.68
CA ARG B 307 -29.86 -14.41 -12.49
C ARG B 307 -28.39 -14.79 -12.25
N ALA B 308 -28.03 -15.14 -11.01
CA ALA B 308 -26.66 -15.54 -10.62
C ALA B 308 -26.23 -16.73 -11.48
N LEU B 309 -27.04 -17.79 -11.49
CA LEU B 309 -26.78 -19.05 -12.24
C LEU B 309 -26.75 -18.78 -13.74
N LYS B 310 -27.60 -17.87 -14.22
CA LYS B 310 -27.72 -17.57 -15.68
C LYS B 310 -26.45 -16.87 -16.19
N ARG B 311 -25.75 -16.11 -15.35
CA ARG B 311 -24.41 -15.52 -15.69
C ARG B 311 -23.36 -16.64 -15.59
N VAL B 312 -23.59 -17.66 -14.76
CA VAL B 312 -22.72 -18.87 -14.65
C VAL B 312 -22.93 -19.73 -15.91
N GLU B 313 -24.20 -19.99 -16.25
CA GLU B 313 -24.64 -20.66 -17.49
C GLU B 313 -23.89 -20.06 -18.69
N SER B 314 -23.73 -18.73 -18.72
CA SER B 314 -23.08 -17.96 -19.82
C SER B 314 -21.69 -18.53 -20.14
N ILE B 315 -21.03 -19.19 -19.18
CA ILE B 315 -19.67 -19.78 -19.38
C ILE B 315 -19.65 -20.54 -20.72
N TYR B 316 -20.71 -21.34 -20.99
CA TYR B 316 -20.91 -22.05 -22.27
C TYR B 316 -20.43 -21.12 -23.39
N ASP B 317 -21.05 -19.94 -23.49
CA ASP B 317 -20.91 -19.01 -24.63
C ASP B 317 -19.52 -18.37 -24.62
N THR B 318 -18.96 -18.11 -23.43
CA THR B 318 -17.62 -17.49 -23.28
C THR B 318 -16.58 -18.43 -23.91
N ILE B 319 -16.70 -19.75 -23.63
CA ILE B 319 -15.84 -20.82 -24.20
C ILE B 319 -16.06 -20.85 -25.71
N ALA B 320 -17.33 -20.94 -26.13
CA ALA B 320 -17.77 -21.00 -27.55
C ALA B 320 -17.10 -19.86 -28.33
N LYS B 321 -17.13 -18.64 -27.80
CA LYS B 321 -16.50 -17.44 -28.41
C LYS B 321 -14.98 -17.62 -28.44
N VAL B 322 -14.38 -18.07 -27.33
CA VAL B 322 -12.92 -18.35 -27.18
C VAL B 322 -12.52 -19.42 -28.20
N ILE B 323 -13.36 -20.45 -28.36
CA ILE B 323 -13.23 -21.54 -29.37
C ILE B 323 -13.20 -20.94 -30.78
N GLU B 324 -14.20 -20.09 -31.10
CA GLU B 324 -14.36 -19.38 -32.40
C GLU B 324 -13.05 -18.65 -32.75
N ILE B 325 -12.61 -17.77 -31.85
CA ILE B 325 -11.42 -16.88 -32.04
C ILE B 325 -10.16 -17.74 -32.18
N SER B 326 -10.12 -18.93 -31.57
CA SER B 326 -8.99 -19.91 -31.63
C SER B 326 -8.79 -20.39 -33.07
N LYS B 327 -9.86 -20.37 -33.88
CA LYS B 327 -9.83 -20.69 -35.34
C LYS B 327 -9.67 -19.40 -36.15
N ARG B 328 -10.62 -18.46 -36.00
CA ARG B 328 -10.72 -17.18 -36.75
C ARG B 328 -9.35 -16.46 -36.78
N ASP B 329 -8.48 -16.68 -35.79
CA ASP B 329 -7.13 -16.08 -35.68
C ASP B 329 -6.04 -17.18 -35.68
N GLY B 330 -6.42 -18.46 -35.54
CA GLY B 330 -5.50 -19.61 -35.57
C GLY B 330 -4.47 -19.53 -34.44
N ILE B 331 -4.94 -19.55 -33.18
CA ILE B 331 -4.13 -19.39 -31.93
C ILE B 331 -4.74 -20.29 -30.84
N ALA B 332 -3.92 -20.74 -29.89
CA ALA B 332 -4.33 -21.64 -28.77
C ALA B 332 -5.44 -20.96 -27.96
N THR B 333 -6.40 -21.75 -27.46
CA THR B 333 -7.65 -21.25 -26.81
C THR B 333 -7.34 -20.31 -25.64
N TYR B 334 -6.23 -20.51 -24.93
CA TYR B 334 -5.82 -19.68 -23.77
C TYR B 334 -5.43 -18.28 -24.27
N VAL B 335 -4.80 -18.18 -25.45
CA VAL B 335 -4.38 -16.88 -26.05
C VAL B 335 -5.62 -16.11 -26.48
N ALA B 336 -6.59 -16.78 -27.10
CA ALA B 336 -7.89 -16.18 -27.50
C ALA B 336 -8.56 -15.60 -26.25
N ALA B 337 -8.55 -16.36 -25.15
CA ALA B 337 -9.17 -15.99 -23.85
C ALA B 337 -8.46 -14.75 -23.30
N ASP B 338 -7.12 -14.75 -23.29
CA ASP B 338 -6.29 -13.59 -22.86
C ASP B 338 -6.74 -12.35 -23.64
N ARG B 339 -6.99 -12.50 -24.94
CA ARG B 339 -7.34 -11.37 -25.83
C ARG B 339 -8.80 -11.00 -25.65
N LEU B 340 -9.69 -11.98 -25.42
CA LEU B 340 -11.13 -11.74 -25.17
C LEU B 340 -11.27 -10.75 -24.02
N ALA B 341 -10.57 -11.03 -22.90
CA ALA B 341 -10.47 -10.18 -21.70
C ALA B 341 -9.93 -8.81 -22.10
N GLU B 342 -8.68 -8.75 -22.56
CA GLU B 342 -7.98 -7.50 -22.95
C GLU B 342 -8.89 -6.62 -23.81
N GLU B 343 -9.50 -7.22 -24.85
CA GLU B 343 -10.37 -6.49 -25.83
C GLU B 343 -11.52 -5.84 -25.06
N ARG B 344 -12.19 -6.60 -24.18
CA ARG B 344 -13.29 -6.11 -23.30
C ARG B 344 -12.82 -4.93 -22.45
N ILE B 345 -11.75 -5.13 -21.66
CA ILE B 345 -11.17 -4.12 -20.74
C ILE B 345 -10.96 -2.83 -21.54
N ALA B 346 -10.29 -2.92 -22.69
CA ALA B 346 -9.90 -1.77 -23.50
C ALA B 346 -11.13 -1.18 -24.20
N SER B 347 -12.04 -2.01 -24.72
CA SER B 347 -13.25 -1.57 -25.46
C SER B 347 -14.08 -0.64 -24.59
N LEU B 348 -14.41 -1.10 -23.38
CA LEU B 348 -15.17 -0.32 -22.37
C LEU B 348 -14.38 0.91 -21.94
N LYS B 349 -13.06 0.78 -21.74
CA LYS B 349 -12.17 1.91 -21.34
C LYS B 349 -12.49 3.14 -22.21
N ASN B 350 -12.69 2.90 -23.51
CA ASN B 350 -13.02 3.95 -24.51
C ASN B 350 -14.50 4.33 -24.40
N SER B 351 -15.40 3.35 -24.47
CA SER B 351 -16.87 3.55 -24.64
C SER B 351 -17.47 4.24 -23.41
N ARG B 352 -16.76 4.20 -22.28
CA ARG B 352 -17.22 4.71 -20.96
C ARG B 352 -16.49 6.01 -20.58
N SER B 353 -15.55 6.48 -21.39
CA SER B 353 -14.71 7.67 -21.05
C SER B 353 -15.50 8.96 -21.23
N THR B 354 -16.82 8.89 -21.49
CA THR B 354 -17.76 10.04 -21.34
C THR B 354 -17.88 10.41 -19.85
N TYR B 355 -18.02 11.71 -19.57
CA TYR B 355 -18.23 12.29 -18.22
C TYR B 355 -19.69 12.20 -17.83
N LEU B 356 -19.93 11.83 -16.57
CA LEU B 356 -21.20 11.96 -15.83
C LEU B 356 -20.83 12.39 -14.42
N ARG B 357 -21.63 13.22 -13.77
CA ARG B 357 -21.32 13.55 -12.36
C ARG B 357 -22.00 12.52 -11.44
N ASN B 358 -23.02 11.80 -11.92
CA ASN B 358 -23.81 10.81 -11.13
C ASN B 358 -23.49 9.38 -11.60
N GLY B 359 -22.18 9.07 -11.75
CA GLY B 359 -21.66 7.81 -12.27
C GLY B 359 -22.10 6.60 -11.46
N HIS B 360 -22.24 5.44 -12.11
CA HIS B 360 -22.79 4.17 -11.56
C HIS B 360 -21.72 3.06 -11.61
N ASP B 361 -21.54 2.35 -10.50
CA ASP B 361 -20.69 1.13 -10.38
C ASP B 361 -21.36 0.17 -9.41
N ILE B 362 -20.81 -1.05 -9.28
CA ILE B 362 -21.37 -2.16 -8.46
C ILE B 362 -21.58 -1.70 -7.00
N ILE B 363 -20.75 -0.76 -6.54
CA ILE B 363 -20.75 -0.16 -5.17
C ILE B 363 -21.96 0.77 -4.99
N SER B 364 -22.50 1.35 -6.07
CA SER B 364 -23.70 2.21 -6.03
C SER B 364 -24.99 1.36 -5.90
N ARG B 365 -24.89 0.05 -5.68
CA ARG B 365 -26.02 -0.86 -5.33
C ARG B 365 -27.12 -0.06 -4.58
#